data_1XOR
#
_entry.id   1XOR
#
_cell.length_a   60.279
_cell.length_b   78.401
_cell.length_c   163.471
_cell.angle_alpha   90.00
_cell.angle_beta   90.00
_cell.angle_gamma   90.00
#
_symmetry.space_group_name_H-M   'P 21 21 21'
#
loop_
_entity.id
_entity.type
_entity.pdbx_description
1 polymer "cAMP-specific 3',5'-cyclic phosphodiesterase 4D"
2 non-polymer 'ZINC ION'
3 non-polymer 'MAGNESIUM ION'
4 non-polymer 6-(4-DIFLUOROMETHOXY-3-METHOXY-PHENYL)-2H-PYRIDAZIN-3-ONE
5 water water
#
_entity_poly.entity_id   1
_entity_poly.type   'polypeptide(L)'
_entity_poly.pdbx_seq_one_letter_code
;MGSSHHHHHHSSGLVPRGSHMTEQEDVLAKELEDVNKWGLHVFRIAELSGNRPLTVIMHTIFQERDLLKTFKIPVDTLIT
YLMTLEDHYHADVAYHNNIHAADVVQSTHVLLSTPALEAVFTDLEILAAIFASAIHDVDHPGVSNQFLINTNSELALMYN
DSSVLENHHLAVGFKLLQEENCDIFQNLTKKQRQSLRKMVIDIVLATDMSKHMNLLADLKTMVETKKVTSSGVLLLDNYS
DRIQVLQNMVHCADLSNPTKPLQLYRQWTDRIMEEFFRQGDRERERGMEISPMCDKHNASVEKSQVGFIDYIVHPLWETW
ADLVHPDAQDILDTLEDNREWYQSTIPQS
;
_entity_poly.pdbx_strand_id   A,B
#
loop_
_chem_comp.id
_chem_comp.type
_chem_comp.name
_chem_comp.formula
MG non-polymer 'MAGNESIUM ION' 'Mg 2'
ZAR non-polymer 6-(4-DIFLUOROMETHOXY-3-METHOXY-PHENYL)-2H-PYRIDAZIN-3-ONE 'C12 H10 F2 N2 O3'
ZN non-polymer 'ZINC ION' 'Zn 2'
#
# COMPACT_ATOMS: atom_id res chain seq x y z
N GLN A 24 20.41 -21.95 35.24
CA GLN A 24 19.45 -21.07 34.52
C GLN A 24 19.12 -21.62 33.12
N GLU A 25 20.13 -22.18 32.45
CA GLU A 25 19.93 -22.77 31.12
C GLU A 25 19.07 -24.03 31.22
N ASP A 26 19.25 -24.78 32.30
CA ASP A 26 18.46 -26.01 32.53
C ASP A 26 17.00 -25.67 32.77
N VAL A 27 16.74 -24.58 33.51
CA VAL A 27 15.38 -24.15 33.79
C VAL A 27 14.73 -23.62 32.51
N LEU A 28 15.52 -22.96 31.67
CA LEU A 28 15.01 -22.46 30.38
C LEU A 28 14.62 -23.63 29.49
N ALA A 29 15.46 -24.66 29.47
CA ALA A 29 15.19 -25.86 28.66
C ALA A 29 13.90 -26.54 29.11
N LYS A 30 13.67 -26.53 30.43
CA LYS A 30 12.47 -27.13 31.02
C LYS A 30 11.20 -26.39 30.57
N GLU A 31 11.24 -25.06 30.61
CA GLU A 31 10.09 -24.28 30.19
C GLU A 31 9.84 -24.45 28.69
N LEU A 32 10.90 -24.68 27.91
CA LEU A 32 10.77 -24.84 26.46
C LEU A 32 10.17 -26.18 26.03
N GLU A 33 10.08 -27.14 26.95
CA GLU A 33 9.43 -28.43 26.69
C GLU A 33 7.95 -28.25 26.37
N ASP A 34 7.38 -27.12 26.80
CA ASP A 34 5.98 -26.77 26.57
C ASP A 34 5.76 -25.98 25.28
N VAL A 35 6.73 -25.99 24.37
CA VAL A 35 6.63 -25.20 23.15
C VAL A 35 5.44 -25.59 22.24
N ASN A 36 4.99 -26.84 22.33
CA ASN A 36 3.87 -27.31 21.53
C ASN A 36 2.51 -27.11 22.22
N LYS A 37 2.51 -26.44 23.37
CA LYS A 37 1.29 -26.23 24.16
C LYS A 37 0.79 -24.80 24.26
N TRP A 38 -0.53 -24.66 24.25
CA TRP A 38 -1.17 -23.38 24.46
C TRP A 38 -0.97 -23.04 25.93
N GLY A 39 -0.48 -21.85 26.22
CA GLY A 39 -0.25 -21.43 27.60
C GLY A 39 1.20 -21.49 28.05
N LEU A 40 2.12 -21.59 27.09
CA LEU A 40 3.55 -21.54 27.37
C LEU A 40 3.85 -20.35 28.26
N HIS A 41 4.76 -20.53 29.22
CA HIS A 41 5.14 -19.46 30.15
C HIS A 41 6.12 -18.53 29.44
N VAL A 42 5.61 -17.74 28.51
CA VAL A 42 6.44 -16.89 27.67
C VAL A 42 7.19 -15.80 28.44
N PHE A 43 6.59 -15.24 29.48
CA PHE A 43 7.28 -14.22 30.28
C PHE A 43 8.45 -14.81 31.05
N ARG A 44 8.29 -16.01 31.56
CA ARG A 44 9.38 -16.69 32.23
C ARG A 44 10.50 -17.00 31.25
N ILE A 45 10.12 -17.40 30.04
CA ILE A 45 11.12 -17.71 29.02
C ILE A 45 11.89 -16.44 28.65
N ALA A 46 11.19 -15.32 28.62
CA ALA A 46 11.84 -14.04 28.33
C ALA A 46 12.91 -13.75 29.38
N GLU A 47 12.61 -13.98 30.65
CA GLU A 47 13.57 -13.73 31.72
C GLU A 47 14.73 -14.73 31.70
N LEU A 48 14.39 -16.02 31.60
CA LEU A 48 15.39 -17.09 31.66
C LEU A 48 16.36 -17.09 30.48
N SER A 49 15.93 -16.54 29.35
CA SER A 49 16.75 -16.48 28.15
C SER A 49 17.59 -15.21 28.05
N GLY A 50 17.55 -14.37 29.08
CA GLY A 50 18.26 -13.10 29.07
C GLY A 50 17.65 -12.15 28.06
N ASN A 51 16.34 -12.04 28.11
CA ASN A 51 15.55 -11.22 27.18
C ASN A 51 15.72 -11.62 25.71
N ARG A 52 15.76 -12.93 25.46
CA ARG A 52 15.81 -13.46 24.10
C ARG A 52 14.68 -14.46 23.83
N PRO A 53 13.44 -14.15 24.21
CA PRO A 53 12.35 -15.11 24.00
C PRO A 53 12.11 -15.39 22.53
N LEU A 54 12.21 -14.38 21.68
CA LEU A 54 11.96 -14.58 20.25
C LEU A 54 13.02 -15.50 19.64
N THR A 55 14.28 -15.27 19.97
CA THR A 55 15.37 -16.10 19.45
C THR A 55 15.24 -17.54 19.90
N VAL A 56 15.08 -17.78 21.19
CA VAL A 56 15.04 -19.16 21.69
C VAL A 56 13.77 -19.91 21.28
N ILE A 57 12.62 -19.22 21.23
CA ILE A 57 11.38 -19.89 20.83
C ILE A 57 11.42 -20.21 19.32
N MET A 58 11.91 -19.27 18.51
CA MET A 58 12.06 -19.53 17.08
C MET A 58 13.02 -20.67 16.82
N HIS A 59 14.17 -20.66 17.49
CA HIS A 59 15.16 -21.73 17.28
C HIS A 59 14.55 -23.08 17.66
N THR A 60 13.87 -23.14 18.81
CA THR A 60 13.22 -24.35 19.27
C THR A 60 12.20 -24.88 18.27
N ILE A 61 11.38 -23.98 17.72
CA ILE A 61 10.35 -24.35 16.76
C ILE A 61 10.96 -24.82 15.44
N PHE A 62 12.01 -24.15 14.98
CA PHE A 62 12.69 -24.56 13.75
C PHE A 62 13.31 -25.96 13.92
N GLN A 63 13.81 -26.25 15.13
CA GLN A 63 14.38 -27.55 15.42
C GLN A 63 13.28 -28.61 15.44
N GLU A 64 12.18 -28.28 16.11
CA GLU A 64 11.05 -29.20 16.27
C GLU A 64 10.40 -29.58 14.94
N ARG A 65 10.32 -28.62 14.03
CA ARG A 65 9.72 -28.83 12.72
C ARG A 65 10.74 -29.28 11.67
N ASP A 66 12.00 -29.42 12.08
CA ASP A 66 13.10 -29.83 11.17
C ASP A 66 13.28 -28.85 10.01
N LEU A 67 13.00 -27.56 10.25
CA LEU A 67 13.12 -26.54 9.21
C LEU A 67 14.55 -26.22 8.79
N LEU A 68 15.52 -26.38 9.68
CA LEU A 68 16.92 -26.11 9.34
C LEU A 68 17.41 -27.10 8.28
N LYS A 69 17.09 -28.37 8.44
CA LYS A 69 17.49 -29.38 7.47
C LYS A 69 16.69 -29.23 6.17
N THR A 70 15.39 -29.06 6.29
CA THR A 70 14.52 -28.94 5.12
C THR A 70 14.94 -27.81 4.18
N PHE A 71 15.26 -26.66 4.75
CA PHE A 71 15.64 -25.49 3.95
C PHE A 71 17.13 -25.13 3.99
N LYS A 72 17.95 -26.05 4.48
CA LYS A 72 19.40 -25.88 4.56
C LYS A 72 19.79 -24.53 5.18
N ILE A 73 19.20 -24.23 6.33
CA ILE A 73 19.48 -23.01 7.04
C ILE A 73 20.63 -23.30 8.01
N PRO A 74 21.78 -22.66 7.83
CA PRO A 74 22.87 -22.86 8.80
C PRO A 74 22.41 -22.38 10.17
N VAL A 75 22.73 -23.10 11.24
CA VAL A 75 22.26 -22.74 12.57
C VAL A 75 22.77 -21.35 12.97
N ASP A 76 24.05 -21.09 12.73
CA ASP A 76 24.66 -19.80 13.02
C ASP A 76 23.93 -18.63 12.33
N THR A 77 23.50 -18.86 11.08
CA THR A 77 22.77 -17.84 10.33
C THR A 77 21.40 -17.59 10.96
N LEU A 78 20.72 -18.67 11.36
CA LEU A 78 19.41 -18.53 11.99
C LEU A 78 19.53 -17.72 13.28
N ILE A 79 20.49 -18.03 14.12
CA ILE A 79 20.65 -17.35 15.40
C ILE A 79 21.04 -15.87 15.18
N THR A 80 21.92 -15.61 14.23
CA THR A 80 22.35 -14.25 13.95
C THR A 80 21.16 -13.41 13.49
N TYR A 81 20.36 -13.93 12.55
CA TYR A 81 19.20 -13.20 12.08
C TYR A 81 18.20 -12.95 13.22
N LEU A 82 17.92 -14.00 13.98
CA LEU A 82 16.94 -13.90 15.08
C LEU A 82 17.35 -12.87 16.12
N MET A 83 18.61 -12.85 16.49
CA MET A 83 19.08 -11.89 17.48
C MET A 83 18.98 -10.47 16.92
N THR A 84 19.30 -10.32 15.64
CA THR A 84 19.21 -9.04 14.96
C THR A 84 17.76 -8.56 14.92
N LEU A 85 16.87 -9.45 14.53
CA LEU A 85 15.44 -9.17 14.46
C LEU A 85 14.92 -8.78 15.85
N GLU A 86 15.26 -9.58 16.84
CA GLU A 86 14.84 -9.32 18.21
C GLU A 86 15.31 -7.95 18.70
N ASP A 87 16.53 -7.57 18.33
CA ASP A 87 17.10 -6.27 18.69
C ASP A 87 16.30 -5.10 18.14
N HIS A 88 15.55 -5.34 17.07
CA HIS A 88 14.74 -4.30 16.43
C HIS A 88 13.33 -4.15 17.01
N TYR A 89 12.99 -4.98 17.99
CA TYR A 89 11.78 -4.77 18.78
C TYR A 89 12.24 -3.83 19.89
N HIS A 90 11.41 -2.87 20.26
CA HIS A 90 11.77 -1.84 21.23
C HIS A 90 11.66 -2.35 22.66
N ALA A 91 12.70 -2.14 23.45
CA ALA A 91 12.71 -2.61 24.83
C ALA A 91 11.77 -1.82 25.75
N ASP A 92 11.45 -0.59 25.37
CA ASP A 92 10.63 0.30 26.19
C ASP A 92 9.15 0.41 25.78
N VAL A 93 8.70 -0.51 24.94
CA VAL A 93 7.30 -0.57 24.53
C VAL A 93 6.72 -1.73 25.35
N ALA A 94 5.65 -1.47 26.11
CA ALA A 94 5.13 -2.47 27.05
C ALA A 94 4.50 -3.70 26.43
N TYR A 95 3.84 -3.53 25.29
CA TYR A 95 3.14 -4.62 24.63
C TYR A 95 3.80 -5.09 23.35
N HIS A 96 3.98 -4.19 22.37
CA HIS A 96 4.50 -4.58 21.05
C HIS A 96 6.00 -4.74 21.01
N ASN A 97 6.47 -5.71 21.78
CA ASN A 97 7.89 -5.97 21.95
C ASN A 97 8.21 -7.41 21.55
N ASN A 98 9.44 -7.82 21.81
CA ASN A 98 9.91 -9.15 21.49
C ASN A 98 9.15 -10.28 22.20
N ILE A 99 8.57 -10.02 23.36
CA ILE A 99 7.80 -11.05 24.06
C ILE A 99 6.49 -11.31 23.31
N HIS A 100 5.85 -10.25 22.84
CA HIS A 100 4.66 -10.38 22.01
C HIS A 100 4.99 -11.13 20.73
N ALA A 101 6.12 -10.80 20.10
CA ALA A 101 6.50 -11.49 18.85
C ALA A 101 6.70 -12.98 19.11
N ALA A 102 7.38 -13.31 20.20
CA ALA A 102 7.63 -14.71 20.55
C ALA A 102 6.31 -15.44 20.80
N ASP A 103 5.39 -14.75 21.47
CA ASP A 103 4.09 -15.31 21.81
C ASP A 103 3.26 -15.60 20.54
N VAL A 104 3.28 -14.67 19.58
CA VAL A 104 2.55 -14.85 18.34
C VAL A 104 3.18 -15.99 17.52
N VAL A 105 4.51 -16.06 17.50
CA VAL A 105 5.22 -17.15 16.83
C VAL A 105 4.79 -18.50 17.42
N GLN A 106 4.87 -18.62 18.73
CA GLN A 106 4.56 -19.88 19.38
C GLN A 106 3.09 -20.26 19.22
N SER A 107 2.21 -19.26 19.25
CA SER A 107 0.78 -19.51 19.11
C SER A 107 0.48 -19.98 17.68
N THR A 108 1.10 -19.35 16.69
CA THR A 108 0.96 -19.78 15.30
C THR A 108 1.47 -21.22 15.14
N HIS A 109 2.59 -21.53 15.79
CA HIS A 109 3.17 -22.88 15.75
C HIS A 109 2.18 -23.92 16.26
N VAL A 110 1.45 -23.60 17.32
CA VAL A 110 0.46 -24.51 17.86
C VAL A 110 -0.74 -24.64 16.92
N LEU A 111 -1.21 -23.52 16.37
CA LEU A 111 -2.33 -23.54 15.45
C LEU A 111 -2.01 -24.31 14.17
N LEU A 112 -0.76 -24.26 13.72
CA LEU A 112 -0.36 -24.98 12.52
C LEU A 112 -0.41 -26.49 12.75
N SER A 113 -0.24 -26.92 14.00
CA SER A 113 -0.26 -28.35 14.36
C SER A 113 -1.67 -28.90 14.63
N THR A 114 -2.69 -28.08 14.47
CA THR A 114 -4.06 -28.54 14.73
C THR A 114 -4.41 -29.76 13.85
N PRO A 115 -4.99 -30.80 14.45
CA PRO A 115 -5.34 -32.02 13.70
C PRO A 115 -6.09 -31.78 12.38
N ALA A 116 -7.03 -30.84 12.38
CA ALA A 116 -7.85 -30.53 11.19
C ALA A 116 -7.04 -30.01 10.02
N LEU A 117 -5.83 -29.54 10.27
CA LEU A 117 -4.95 -29.03 9.20
C LEU A 117 -3.74 -29.93 8.92
N GLU A 118 -3.77 -31.17 9.41
CA GLU A 118 -2.66 -32.10 9.20
C GLU A 118 -2.45 -32.35 7.71
N ALA A 119 -1.21 -32.21 7.26
CA ALA A 119 -0.79 -32.40 5.86
C ALA A 119 -1.34 -31.35 4.87
N VAL A 120 -2.01 -30.32 5.37
CA VAL A 120 -2.63 -29.32 4.50
C VAL A 120 -1.63 -28.34 3.88
N PHE A 121 -0.71 -27.84 4.70
CA PHE A 121 0.26 -26.84 4.25
C PHE A 121 1.62 -27.43 3.87
N THR A 122 2.27 -26.83 2.89
CA THR A 122 3.60 -27.24 2.45
C THR A 122 4.60 -26.71 3.46
N ASP A 123 5.82 -27.23 3.41
CA ASP A 123 6.87 -26.77 4.29
C ASP A 123 7.14 -25.27 4.07
N LEU A 124 7.07 -24.81 2.82
CA LEU A 124 7.30 -23.40 2.51
C LEU A 124 6.20 -22.51 3.12
N GLU A 125 4.96 -22.98 3.11
CA GLU A 125 3.84 -22.22 3.68
C GLU A 125 3.99 -22.16 5.21
N ILE A 126 4.42 -23.26 5.82
CA ILE A 126 4.66 -23.32 7.26
C ILE A 126 5.77 -22.34 7.63
N LEU A 127 6.85 -22.36 6.86
CA LEU A 127 7.97 -21.45 7.08
C LEU A 127 7.52 -20.00 6.97
N ALA A 128 6.69 -19.73 5.96
CA ALA A 128 6.16 -18.39 5.73
C ALA A 128 5.34 -17.88 6.93
N ALA A 129 4.46 -18.74 7.44
CA ALA A 129 3.59 -18.35 8.55
C ALA A 129 4.38 -18.07 9.83
N ILE A 130 5.39 -18.89 10.09
CA ILE A 130 6.20 -18.73 11.29
C ILE A 130 7.10 -17.50 11.16
N PHE A 131 7.74 -17.32 10.01
CA PHE A 131 8.57 -16.14 9.78
C PHE A 131 7.73 -14.87 9.85
N ALA A 132 6.54 -14.89 9.24
CA ALA A 132 5.66 -13.72 9.27
C ALA A 132 5.32 -13.36 10.70
N SER A 133 5.00 -14.37 11.52
CA SER A 133 4.69 -14.12 12.92
C SER A 133 5.86 -13.48 13.67
N ALA A 134 7.07 -13.94 13.37
CA ALA A 134 8.27 -13.42 14.03
C ALA A 134 8.53 -11.94 13.74
N ILE A 135 8.30 -11.53 12.51
CA ILE A 135 8.58 -10.15 12.11
C ILE A 135 7.38 -9.24 12.18
N HIS A 136 6.22 -9.79 12.52
CA HIS A 136 4.97 -9.06 12.30
C HIS A 136 4.79 -7.70 12.97
N ASP A 137 5.51 -7.43 14.06
CA ASP A 137 5.43 -6.14 14.76
C ASP A 137 6.81 -5.51 14.97
N VAL A 138 7.81 -5.92 14.19
CA VAL A 138 9.16 -5.43 14.43
C VAL A 138 9.29 -3.92 14.26
N ASP A 139 10.03 -3.29 15.17
CA ASP A 139 10.25 -1.84 15.16
C ASP A 139 8.96 -1.04 15.44
N HIS A 140 8.04 -1.65 16.17
CA HIS A 140 6.79 -1.00 16.59
C HIS A 140 7.12 0.12 17.57
N PRO A 141 6.68 1.35 17.31
CA PRO A 141 6.95 2.47 18.21
C PRO A 141 6.04 2.59 19.43
N GLY A 142 5.05 1.71 19.59
CA GLY A 142 4.15 1.75 20.73
C GLY A 142 2.96 2.69 20.56
N VAL A 143 2.68 3.10 19.33
CA VAL A 143 1.52 3.95 19.04
C VAL A 143 0.83 3.38 17.80
N SER A 144 -0.45 3.70 17.68
CA SER A 144 -1.31 3.15 16.64
C SER A 144 -1.12 3.80 15.27
N ASN A 145 -1.63 3.12 14.24
CA ASN A 145 -1.64 3.66 12.89
C ASN A 145 -2.36 5.01 12.86
N GLN A 146 -3.48 5.11 13.58
CA GLN A 146 -4.25 6.36 13.60
C GLN A 146 -3.45 7.49 14.23
N PHE A 147 -2.69 7.19 15.28
CA PHE A 147 -1.86 8.21 15.93
C PHE A 147 -0.80 8.69 14.95
N LEU A 148 -0.17 7.74 14.24
CA LEU A 148 0.87 8.08 13.27
C LEU A 148 0.31 8.93 12.14
N ILE A 149 -0.92 8.64 11.71
CA ILE A 149 -1.58 9.39 10.66
C ILE A 149 -1.98 10.80 11.15
N ASN A 150 -2.57 10.86 12.34
CA ASN A 150 -3.03 12.13 12.92
C ASN A 150 -1.90 13.10 13.28
N THR A 151 -0.70 12.56 13.53
CA THR A 151 0.45 13.39 13.87
C THR A 151 1.37 13.67 12.69
N ASN A 152 0.94 13.30 11.49
CA ASN A 152 1.73 13.53 10.26
C ASN A 152 3.16 12.99 10.38
N SER A 153 3.26 11.82 11.01
CA SER A 153 4.53 11.14 11.23
C SER A 153 5.26 10.77 9.93
N GLU A 154 6.56 10.55 10.05
CA GLU A 154 7.36 10.14 8.91
C GLU A 154 6.86 8.81 8.34
N LEU A 155 6.40 7.91 9.22
CA LEU A 155 5.90 6.61 8.79
C LEU A 155 4.63 6.74 7.95
N ALA A 156 3.70 7.58 8.41
CA ALA A 156 2.44 7.78 7.69
C ALA A 156 2.67 8.47 6.35
N LEU A 157 3.64 9.37 6.30
CA LEU A 157 3.97 10.07 5.06
C LEU A 157 4.63 9.10 4.09
N MET A 158 5.46 8.20 4.61
CA MET A 158 6.12 7.22 3.76
C MET A 158 5.10 6.26 3.15
N TYR A 159 4.12 5.86 3.95
CA TYR A 159 3.21 4.79 3.55
C TYR A 159 1.80 5.23 3.17
N ASN A 160 1.61 6.53 3.00
CA ASN A 160 0.33 7.04 2.52
C ASN A 160 -0.89 6.57 3.31
N ASP A 161 -0.73 6.59 4.63
CA ASP A 161 -1.79 6.26 5.59
C ASP A 161 -2.37 4.85 5.47
N SER A 162 -1.74 3.98 4.66
CA SER A 162 -2.29 2.65 4.43
C SER A 162 -1.44 1.56 5.05
N SER A 163 -2.01 0.86 6.03
CA SER A 163 -1.33 -0.18 6.80
C SER A 163 0.09 0.30 7.10
N VAL A 164 0.18 1.47 7.72
CA VAL A 164 1.45 2.14 7.95
C VAL A 164 2.44 1.27 8.70
N LEU A 165 2.04 0.84 9.90
CA LEU A 165 2.91 0.00 10.72
C LEU A 165 3.24 -1.33 10.05
N GLU A 166 2.23 -1.99 9.49
CA GLU A 166 2.39 -3.32 8.94
C GLU A 166 3.33 -3.34 7.74
N ASN A 167 3.26 -2.31 6.90
CA ASN A 167 4.20 -2.17 5.80
C ASN A 167 5.61 -2.00 6.34
N HIS A 168 5.76 -1.18 7.38
CA HIS A 168 7.04 -0.94 8.01
C HIS A 168 7.63 -2.22 8.64
N HIS A 169 6.80 -3.00 9.33
CA HIS A 169 7.26 -4.24 9.96
C HIS A 169 7.85 -5.18 8.90
N LEU A 170 7.15 -5.29 7.78
CA LEU A 170 7.61 -6.11 6.66
C LEU A 170 8.94 -5.59 6.11
N ALA A 171 9.02 -4.30 5.83
CA ALA A 171 10.23 -3.73 5.27
C ALA A 171 11.45 -3.98 6.16
N VAL A 172 11.27 -3.81 7.47
CA VAL A 172 12.35 -4.02 8.41
C VAL A 172 12.72 -5.51 8.47
N GLY A 173 11.72 -6.37 8.61
CA GLY A 173 11.96 -7.80 8.71
C GLY A 173 12.72 -8.36 7.51
N PHE A 174 12.38 -7.89 6.32
CA PHE A 174 13.06 -8.34 5.11
C PHE A 174 14.44 -7.69 4.97
N LYS A 175 14.54 -6.41 5.30
CA LYS A 175 15.81 -5.69 5.18
C LYS A 175 16.88 -6.32 6.07
N LEU A 176 16.50 -6.81 7.23
CA LEU A 176 17.48 -7.41 8.15
C LEU A 176 18.11 -8.70 7.63
N LEU A 177 17.44 -9.37 6.69
CA LEU A 177 18.01 -10.57 6.07
C LEU A 177 19.30 -10.27 5.30
N GLN A 178 19.49 -9.00 4.93
CA GLN A 178 20.66 -8.55 4.17
C GLN A 178 21.91 -8.23 5.01
N GLU A 179 21.77 -8.27 6.33
CA GLU A 179 22.91 -8.05 7.23
C GLU A 179 23.85 -9.25 7.17
N GLU A 180 25.10 -9.07 7.60
CA GLU A 180 26.10 -10.14 7.55
C GLU A 180 25.62 -11.39 8.27
N ASN A 181 25.68 -12.52 7.55
CA ASN A 181 25.28 -13.82 8.06
C ASN A 181 23.85 -13.87 8.59
N CYS A 182 22.95 -13.16 7.93
CA CYS A 182 21.55 -13.11 8.33
C CYS A 182 20.56 -13.69 7.32
N ASP A 183 21.02 -14.06 6.13
CA ASP A 183 20.09 -14.55 5.13
C ASP A 183 19.71 -16.00 5.36
N ILE A 184 18.68 -16.22 6.17
CA ILE A 184 18.21 -17.58 6.49
C ILE A 184 17.58 -18.29 5.28
N PHE A 185 17.24 -17.55 4.23
CA PHE A 185 16.66 -18.13 3.02
C PHE A 185 17.70 -18.27 1.89
N GLN A 186 18.98 -18.19 2.22
CA GLN A 186 20.05 -18.23 1.21
C GLN A 186 20.05 -19.49 0.33
N ASN A 187 19.57 -20.61 0.88
CA ASN A 187 19.54 -21.87 0.14
C ASN A 187 18.18 -22.24 -0.45
N LEU A 188 17.21 -21.32 -0.38
CA LEU A 188 15.93 -21.50 -1.04
C LEU A 188 16.16 -21.16 -2.51
N THR A 189 15.43 -21.81 -3.41
CA THR A 189 15.52 -21.48 -4.83
C THR A 189 14.89 -20.11 -5.03
N LYS A 190 15.15 -19.50 -6.19
CA LYS A 190 14.57 -18.19 -6.52
C LYS A 190 13.05 -18.25 -6.48
N LYS A 191 12.47 -19.32 -7.02
CA LYS A 191 11.02 -19.52 -7.04
C LYS A 191 10.47 -19.61 -5.61
N GLN A 192 11.19 -20.32 -4.75
CA GLN A 192 10.78 -20.46 -3.35
C GLN A 192 10.84 -19.13 -2.61
N ARG A 193 11.89 -18.36 -2.87
CA ARG A 193 12.06 -17.06 -2.23
C ARG A 193 10.96 -16.10 -2.67
N GLN A 194 10.63 -16.14 -3.95
CA GLN A 194 9.59 -15.28 -4.52
C GLN A 194 8.25 -15.60 -3.87
N SER A 195 7.92 -16.90 -3.80
CA SER A 195 6.67 -17.37 -3.20
C SER A 195 6.60 -17.02 -1.72
N LEU A 196 7.67 -17.28 -0.98
CA LEU A 196 7.68 -17.01 0.45
C LEU A 196 7.50 -15.51 0.71
N ARG A 197 8.19 -14.67 -0.06
CA ARG A 197 8.08 -13.22 0.12
C ARG A 197 6.63 -12.77 -0.04
N LYS A 198 5.97 -13.25 -1.09
CA LYS A 198 4.59 -12.85 -1.34
C LYS A 198 3.67 -13.31 -0.20
N MET A 199 3.86 -14.54 0.27
CA MET A 199 3.03 -15.07 1.34
C MET A 199 3.21 -14.29 2.63
N VAL A 200 4.46 -13.98 2.95
CA VAL A 200 4.76 -13.26 4.18
C VAL A 200 4.14 -11.87 4.14
N ILE A 201 4.24 -11.19 3.00
CA ILE A 201 3.65 -9.87 2.85
C ILE A 201 2.14 -9.97 3.05
N ASP A 202 1.51 -10.95 2.40
CA ASP A 202 0.07 -11.13 2.51
C ASP A 202 -0.36 -11.41 3.95
N ILE A 203 0.45 -12.18 4.67
CA ILE A 203 0.13 -12.52 6.06
C ILE A 203 0.27 -11.32 6.99
N VAL A 204 1.40 -10.63 6.93
CA VAL A 204 1.61 -9.49 7.84
C VAL A 204 0.66 -8.35 7.55
N LEU A 205 0.35 -8.09 6.28
CA LEU A 205 -0.61 -7.02 5.98
C LEU A 205 -1.98 -7.33 6.56
N ALA A 206 -2.32 -8.62 6.68
CA ALA A 206 -3.60 -9.03 7.25
C ALA A 206 -3.71 -8.85 8.76
N THR A 207 -2.61 -8.49 9.43
CA THR A 207 -2.63 -8.21 10.88
C THR A 207 -3.11 -6.80 11.19
N ASP A 208 -3.21 -5.95 10.17
CA ASP A 208 -3.75 -4.60 10.31
C ASP A 208 -5.21 -4.74 10.74
N MET A 209 -5.60 -4.16 11.87
CA MET A 209 -6.97 -4.31 12.36
C MET A 209 -8.05 -3.74 11.43
N SER A 210 -7.67 -2.82 10.54
CA SER A 210 -8.63 -2.26 9.58
C SER A 210 -9.12 -3.32 8.57
N LYS A 211 -8.39 -4.44 8.48
CA LYS A 211 -8.75 -5.55 7.59
C LYS A 211 -9.53 -6.65 8.31
N HIS A 212 -9.71 -6.53 9.62
CA HIS A 212 -10.33 -7.58 10.44
C HIS A 212 -11.71 -8.02 9.98
N MET A 213 -12.61 -7.07 9.76
CA MET A 213 -13.98 -7.39 9.38
C MET A 213 -14.06 -8.16 8.07
N ASN A 214 -13.26 -7.75 7.07
CA ASN A 214 -13.27 -8.43 5.78
C ASN A 214 -12.63 -9.81 5.88
N LEU A 215 -11.56 -9.90 6.67
CA LEU A 215 -10.87 -11.16 6.89
C LEU A 215 -11.83 -12.16 7.56
N LEU A 216 -12.57 -11.69 8.56
CA LEU A 216 -13.53 -12.53 9.28
C LEU A 216 -14.69 -12.97 8.40
N ALA A 217 -15.20 -12.04 7.58
CA ALA A 217 -16.29 -12.37 6.68
C ALA A 217 -15.84 -13.47 5.72
N ASP A 218 -14.59 -13.40 5.26
CA ASP A 218 -14.08 -14.40 4.33
C ASP A 218 -13.85 -15.75 5.04
N LEU A 219 -13.43 -15.71 6.30
CA LEU A 219 -13.24 -16.93 7.08
C LEU A 219 -14.58 -17.60 7.30
N LYS A 220 -15.62 -16.81 7.56
CA LYS A 220 -16.96 -17.34 7.78
C LYS A 220 -17.47 -18.02 6.51
N THR A 221 -17.18 -17.43 5.37
CA THR A 221 -17.57 -18.00 4.09
C THR A 221 -16.87 -19.35 3.88
N MET A 222 -15.61 -19.44 4.32
CA MET A 222 -14.85 -20.68 4.21
C MET A 222 -15.44 -21.78 5.09
N VAL A 223 -15.88 -21.41 6.29
CA VAL A 223 -16.51 -22.37 7.19
C VAL A 223 -17.82 -22.88 6.60
N GLU A 224 -18.56 -21.97 5.96
CA GLU A 224 -19.85 -22.29 5.38
C GLU A 224 -19.75 -23.19 4.14
N THR A 225 -18.61 -23.13 3.46
CA THR A 225 -18.38 -23.92 2.24
C THR A 225 -17.32 -25.02 2.44
N LYS A 226 -17.00 -25.26 3.71
CA LYS A 226 -16.02 -26.25 4.13
C LYS A 226 -16.18 -27.63 3.50
N LYS A 227 -15.08 -28.20 3.03
CA LYS A 227 -15.04 -29.56 2.50
C LYS A 227 -14.00 -30.32 3.33
N VAL A 228 -14.29 -31.57 3.63
CA VAL A 228 -13.40 -32.39 4.45
C VAL A 228 -13.00 -33.69 3.76
N THR A 229 -12.15 -34.47 4.43
CA THR A 229 -11.69 -35.75 3.91
C THR A 229 -11.04 -36.63 5.00
N VAL A 233 -10.33 -34.12 7.82
CA VAL A 233 -9.30 -33.11 7.59
C VAL A 233 -9.75 -32.13 6.50
N LEU A 234 -9.35 -30.88 6.65
CA LEU A 234 -9.75 -29.81 5.71
C LEU A 234 -9.07 -29.89 4.34
N LEU A 235 -9.84 -29.57 3.30
CA LEU A 235 -9.37 -29.56 1.92
C LEU A 235 -9.26 -28.10 1.42
N LEU A 236 -8.05 -27.68 1.06
CA LEU A 236 -7.78 -26.32 0.56
C LEU A 236 -6.90 -26.40 -0.71
N ASP A 237 -7.54 -26.51 -1.87
CA ASP A 237 -6.82 -26.69 -3.14
C ASP A 237 -6.08 -25.51 -3.83
N ASN A 238 -6.52 -24.27 -3.63
CA ASN A 238 -5.89 -23.11 -4.31
C ASN A 238 -5.20 -22.11 -3.39
N TYR A 239 -4.36 -21.22 -3.95
CA TYR A 239 -3.61 -20.23 -3.14
C TYR A 239 -4.55 -19.34 -2.34
N SER A 240 -5.58 -18.79 -2.98
CA SER A 240 -6.51 -17.89 -2.28
C SER A 240 -7.02 -18.48 -0.98
N ASP A 241 -7.45 -19.74 -1.00
CA ASP A 241 -7.98 -20.38 0.21
C ASP A 241 -6.89 -20.67 1.24
N ARG A 242 -5.75 -21.18 0.80
CA ARG A 242 -4.64 -21.52 1.71
C ARG A 242 -4.12 -20.27 2.40
N ILE A 243 -3.83 -19.24 1.62
CA ILE A 243 -3.30 -17.99 2.17
C ILE A 243 -4.32 -17.33 3.09
N GLN A 244 -5.61 -17.45 2.75
CA GLN A 244 -6.66 -16.88 3.57
C GLN A 244 -6.68 -17.53 4.95
N VAL A 245 -6.49 -18.85 4.99
CA VAL A 245 -6.45 -19.56 6.26
C VAL A 245 -5.20 -19.14 7.05
N LEU A 246 -4.07 -19.01 6.38
CA LEU A 246 -2.83 -18.59 7.07
C LEU A 246 -2.94 -17.16 7.59
N GLN A 247 -3.59 -16.29 6.83
CA GLN A 247 -3.80 -14.91 7.27
C GLN A 247 -4.64 -14.89 8.53
N ASN A 248 -5.73 -15.64 8.53
CA ASN A 248 -6.61 -15.71 9.69
C ASN A 248 -5.94 -16.40 10.86
N MET A 249 -5.09 -17.38 10.58
CA MET A 249 -4.39 -18.11 11.61
C MET A 249 -3.46 -17.17 12.37
N VAL A 250 -2.65 -16.40 11.66
CA VAL A 250 -1.73 -15.48 12.30
C VAL A 250 -2.49 -14.34 12.99
N HIS A 251 -3.62 -13.93 12.43
CA HIS A 251 -4.48 -12.90 13.03
C HIS A 251 -5.04 -13.43 14.36
N CYS A 252 -5.45 -14.71 14.39
CA CYS A 252 -5.92 -15.35 15.61
C CYS A 252 -4.81 -15.38 16.66
N ALA A 253 -3.60 -15.75 16.22
CA ALA A 253 -2.43 -15.79 17.11
C ALA A 253 -2.15 -14.40 17.69
N ASP A 254 -2.26 -13.39 16.86
CA ASP A 254 -2.04 -12.00 17.27
C ASP A 254 -3.08 -11.57 18.32
N LEU A 255 -4.32 -12.04 18.16
CA LEU A 255 -5.43 -11.72 19.07
C LEU A 255 -5.70 -12.91 20.00
N SER A 256 -4.65 -13.61 20.41
CA SER A 256 -4.83 -14.79 21.25
C SER A 256 -4.74 -14.55 22.73
N ASN A 257 -4.36 -13.34 23.17
CA ASN A 257 -4.16 -13.09 24.62
C ASN A 257 -5.38 -13.49 25.48
N PRO A 258 -6.60 -13.09 25.11
CA PRO A 258 -7.75 -13.45 25.94
C PRO A 258 -8.11 -14.94 25.96
N THR A 259 -7.46 -15.73 25.10
CA THR A 259 -7.68 -17.18 25.08
C THR A 259 -6.67 -17.96 25.93
N LYS A 260 -5.71 -17.26 26.53
CA LYS A 260 -4.66 -17.89 27.33
C LYS A 260 -5.06 -17.98 28.78
N PRO A 261 -4.40 -18.86 29.54
CA PRO A 261 -4.62 -18.92 30.98
C PRO A 261 -4.62 -17.51 31.56
N LEU A 262 -5.49 -17.26 32.53
CA LEU A 262 -5.73 -15.92 33.06
C LEU A 262 -4.50 -15.18 33.54
N GLN A 263 -3.57 -15.89 34.17
CA GLN A 263 -2.36 -15.24 34.68
C GLN A 263 -1.53 -14.62 33.55
N LEU A 264 -1.58 -15.24 32.37
CA LEU A 264 -0.91 -14.69 31.19
C LEU A 264 -1.75 -13.56 30.62
N TYR A 265 -3.05 -13.80 30.44
CA TYR A 265 -3.94 -12.79 29.90
C TYR A 265 -3.87 -11.47 30.66
N ARG A 266 -3.93 -11.53 31.99
CA ARG A 266 -3.91 -10.30 32.79
C ARG A 266 -2.62 -9.51 32.59
N GLN A 267 -1.49 -10.19 32.41
CA GLN A 267 -0.24 -9.50 32.15
C GLN A 267 -0.29 -8.77 30.80
N TRP A 268 -0.82 -9.43 29.79
CA TRP A 268 -0.97 -8.81 28.48
C TRP A 268 -1.89 -7.61 28.55
N THR A 269 -2.96 -7.69 29.35
CA THR A 269 -3.87 -6.57 29.51
C THR A 269 -3.14 -5.41 30.18
N ASP A 270 -2.38 -5.69 31.23
CA ASP A 270 -1.62 -4.65 31.91
C ASP A 270 -0.72 -3.92 30.91
N ARG A 271 -0.08 -4.69 30.04
CA ARG A 271 0.87 -4.14 29.08
C ARG A 271 0.21 -3.31 27.99
N ILE A 272 -0.89 -3.81 27.40
CA ILE A 272 -1.53 -3.01 26.35
C ILE A 272 -2.07 -1.73 26.93
N MET A 273 -2.59 -1.77 28.16
CA MET A 273 -3.13 -0.57 28.78
C MET A 273 -2.02 0.44 29.06
N GLU A 274 -0.84 -0.04 29.46
CA GLU A 274 0.30 0.85 29.69
C GLU A 274 0.67 1.55 28.37
N GLU A 275 0.67 0.79 27.28
CA GLU A 275 1.01 1.35 25.98
C GLU A 275 -0.04 2.37 25.55
N PHE A 276 -1.31 2.01 25.70
CA PHE A 276 -2.41 2.92 25.34
C PHE A 276 -2.36 4.22 26.16
N PHE A 277 -2.12 4.09 27.46
CA PHE A 277 -2.06 5.26 28.33
C PHE A 277 -0.89 6.19 27.96
N ARG A 278 0.23 5.62 27.54
CA ARG A 278 1.39 6.42 27.14
C ARG A 278 1.07 7.15 25.83
N GLN A 279 0.30 6.52 24.94
CA GLN A 279 -0.12 7.18 23.71
C GLN A 279 -1.07 8.31 24.03
N GLY A 280 -1.97 8.08 25.00
CA GLY A 280 -2.90 9.10 25.43
C GLY A 280 -2.19 10.29 26.06
N ASP A 281 -1.09 10.04 26.75
CA ASP A 281 -0.30 11.10 27.38
C ASP A 281 0.32 11.96 26.29
N ARG A 282 0.78 11.33 25.21
CA ARG A 282 1.36 12.03 24.07
C ARG A 282 0.29 12.85 23.37
N GLU A 283 -0.91 12.28 23.22
CA GLU A 283 -2.02 12.96 22.58
C GLU A 283 -2.43 14.17 23.39
N ARG A 284 -2.51 14.01 24.70
CA ARG A 284 -2.92 15.10 25.58
C ARG A 284 -1.92 16.26 25.54
N GLU A 285 -0.63 15.93 25.43
CA GLU A 285 0.44 16.93 25.34
C GLU A 285 0.35 17.75 24.05
N ARG A 286 -0.12 17.13 22.98
CA ARG A 286 -0.27 17.78 21.68
C ARG A 286 -1.59 18.53 21.51
N GLY A 287 -2.46 18.47 22.53
CA GLY A 287 -3.74 19.13 22.48
C GLY A 287 -4.75 18.38 21.61
N MET A 288 -4.47 17.11 21.35
CA MET A 288 -5.33 16.27 20.52
C MET A 288 -6.40 15.61 21.38
N GLU A 289 -7.45 15.12 20.72
CA GLU A 289 -8.48 14.37 21.44
C GLU A 289 -7.86 13.01 21.75
N ILE A 290 -8.05 12.55 22.99
CA ILE A 290 -7.47 11.28 23.42
C ILE A 290 -8.25 10.11 22.81
N SER A 291 -7.51 9.16 22.24
CA SER A 291 -8.09 7.99 21.58
C SER A 291 -8.82 7.10 22.58
N PRO A 292 -9.77 6.29 22.10
CA PRO A 292 -10.47 5.34 22.95
C PRO A 292 -9.50 4.48 23.76
N MET A 293 -9.79 4.31 25.05
CA MET A 293 -8.99 3.50 25.99
C MET A 293 -7.61 4.06 26.32
N CYS A 294 -7.27 5.26 25.85
CA CYS A 294 -5.92 5.80 26.07
C CYS A 294 -5.85 6.86 27.16
N ASP A 295 -6.99 7.19 27.74
CA ASP A 295 -7.06 8.20 28.79
C ASP A 295 -7.02 7.54 30.16
N LYS A 296 -5.85 7.58 30.80
CA LYS A 296 -5.66 6.98 32.12
C LYS A 296 -6.59 7.57 33.19
N HIS A 297 -7.09 8.78 32.96
CA HIS A 297 -8.01 9.45 33.90
C HIS A 297 -9.49 9.08 33.68
N ASN A 298 -9.81 8.52 32.51
CA ASN A 298 -11.16 8.10 32.16
C ASN A 298 -11.10 6.80 31.37
N ALA A 299 -10.75 5.72 32.04
CA ALA A 299 -10.67 4.42 31.40
C ALA A 299 -11.32 3.35 32.26
N SER A 300 -11.82 2.32 31.61
CA SER A 300 -12.31 1.15 32.32
C SER A 300 -11.66 -0.02 31.64
N VAL A 301 -10.59 -0.50 32.26
CA VAL A 301 -9.82 -1.59 31.71
C VAL A 301 -10.67 -2.84 31.52
N GLU A 302 -11.53 -3.11 32.49
CA GLU A 302 -12.35 -4.31 32.50
C GLU A 302 -13.44 -4.28 31.44
N LYS A 303 -14.15 -3.15 31.35
CA LYS A 303 -15.17 -2.99 30.30
C LYS A 303 -14.53 -3.07 28.93
N SER A 304 -13.33 -2.53 28.78
CA SER A 304 -12.62 -2.57 27.51
C SER A 304 -12.28 -4.00 27.09
N GLN A 305 -11.87 -4.84 28.03
CA GLN A 305 -11.54 -6.23 27.70
C GLN A 305 -12.80 -6.99 27.32
N VAL A 306 -13.90 -6.76 28.05
CA VAL A 306 -15.16 -7.45 27.73
C VAL A 306 -15.61 -7.04 26.33
N GLY A 307 -15.47 -5.76 25.99
CA GLY A 307 -15.83 -5.29 24.65
C GLY A 307 -14.94 -5.89 23.58
N PHE A 308 -13.65 -5.93 23.86
CA PHE A 308 -12.66 -6.48 22.92
C PHE A 308 -13.02 -7.93 22.61
N ILE A 309 -13.36 -8.70 23.63
CA ILE A 309 -13.72 -10.09 23.45
C ILE A 309 -15.05 -10.21 22.70
N ASP A 310 -16.06 -9.51 23.19
CA ASP A 310 -17.39 -9.61 22.59
C ASP A 310 -17.49 -9.21 21.12
N TYR A 311 -16.79 -8.15 20.75
CA TYR A 311 -16.91 -7.60 19.39
C TYR A 311 -15.83 -8.02 18.41
N ILE A 312 -14.68 -8.45 18.91
CA ILE A 312 -13.56 -8.81 18.04
C ILE A 312 -13.01 -10.22 18.24
N VAL A 313 -12.56 -10.50 19.45
CA VAL A 313 -11.85 -11.76 19.72
C VAL A 313 -12.74 -12.99 19.68
N HIS A 314 -13.89 -12.93 20.33
CA HIS A 314 -14.80 -14.09 20.33
C HIS A 314 -15.36 -14.38 18.93
N PRO A 315 -15.88 -13.38 18.21
CA PRO A 315 -16.35 -13.65 16.85
C PRO A 315 -15.28 -14.31 15.97
N LEU A 316 -14.04 -13.88 16.08
CA LEU A 316 -12.94 -14.44 15.30
C LEU A 316 -12.64 -15.88 15.73
N TRP A 317 -12.43 -16.08 17.03
CA TRP A 317 -12.08 -17.38 17.55
C TRP A 317 -13.19 -18.44 17.45
N GLU A 318 -14.45 -18.01 17.55
CA GLU A 318 -15.56 -18.93 17.42
C GLU A 318 -15.60 -19.43 15.97
N THR A 319 -15.26 -18.54 15.04
CA THR A 319 -15.24 -18.88 13.62
C THR A 319 -14.07 -19.81 13.31
N TRP A 320 -12.91 -19.54 13.88
CA TRP A 320 -11.74 -20.39 13.72
C TRP A 320 -12.06 -21.78 14.29
N ALA A 321 -12.65 -21.81 15.48
CA ALA A 321 -13.02 -23.06 16.15
C ALA A 321 -13.99 -23.86 15.29
N ASP A 322 -14.88 -23.17 14.57
CA ASP A 322 -15.84 -23.83 13.69
C ASP A 322 -15.11 -24.46 12.50
N LEU A 323 -14.11 -23.76 11.97
CA LEU A 323 -13.32 -24.25 10.86
C LEU A 323 -12.60 -25.55 11.22
N VAL A 324 -12.01 -25.59 12.41
CA VAL A 324 -11.25 -26.76 12.85
C VAL A 324 -11.97 -27.62 13.90
N HIS A 325 -13.29 -27.50 14.01
CA HIS A 325 -14.07 -28.18 15.04
C HIS A 325 -13.76 -29.69 15.07
N PRO A 326 -13.52 -30.27 16.25
CA PRO A 326 -13.53 -29.62 17.57
C PRO A 326 -12.14 -29.31 18.18
N ASP A 327 -11.11 -29.19 17.35
CA ASP A 327 -9.73 -28.98 17.82
C ASP A 327 -9.50 -27.83 18.79
N ALA A 328 -10.20 -26.73 18.57
CA ALA A 328 -10.01 -25.51 19.37
C ALA A 328 -11.03 -25.31 20.49
N GLN A 329 -11.74 -26.37 20.87
CA GLN A 329 -12.76 -26.22 21.90
C GLN A 329 -12.21 -25.76 23.25
N ASP A 330 -11.03 -26.25 23.64
CA ASP A 330 -10.43 -25.88 24.92
C ASP A 330 -10.00 -24.42 24.91
N ILE A 331 -9.51 -23.95 23.76
CA ILE A 331 -9.10 -22.56 23.61
C ILE A 331 -10.33 -21.64 23.71
N LEU A 332 -11.41 -22.03 23.03
CA LEU A 332 -12.64 -21.25 23.06
C LEU A 332 -13.26 -21.23 24.47
N ASP A 333 -13.20 -22.36 25.17
CA ASP A 333 -13.69 -22.44 26.55
C ASP A 333 -12.91 -21.50 27.45
N THR A 334 -11.59 -21.42 27.27
CA THR A 334 -10.76 -20.52 28.07
C THR A 334 -11.13 -19.08 27.81
N LEU A 335 -11.29 -18.74 26.54
CA LEU A 335 -11.70 -17.40 26.15
C LEU A 335 -13.02 -17.03 26.83
N GLU A 336 -13.98 -17.94 26.81
CA GLU A 336 -15.29 -17.67 27.39
C GLU A 336 -15.20 -17.54 28.91
N ASP A 337 -14.37 -18.36 29.54
CA ASP A 337 -14.18 -18.26 30.99
C ASP A 337 -13.53 -16.93 31.37
N ASN A 338 -12.57 -16.48 30.56
CA ASN A 338 -11.87 -15.22 30.83
C ASN A 338 -12.79 -14.05 30.63
N ARG A 339 -13.67 -14.14 29.63
CA ARG A 339 -14.64 -13.07 29.40
C ARG A 339 -15.55 -12.94 30.63
N GLU A 340 -16.03 -14.08 31.13
CA GLU A 340 -16.89 -14.11 32.31
C GLU A 340 -16.16 -13.56 33.53
N TRP A 341 -14.87 -13.87 33.66
CA TRP A 341 -14.10 -13.37 34.79
C TRP A 341 -14.01 -11.85 34.74
N TYR A 342 -13.57 -11.29 33.62
CA TYR A 342 -13.47 -9.84 33.50
C TYR A 342 -14.84 -9.17 33.73
N GLN A 343 -15.89 -9.76 33.18
CA GLN A 343 -17.23 -9.23 33.35
C GLN A 343 -17.65 -9.21 34.82
N SER A 344 -17.26 -10.26 35.56
CA SER A 344 -17.63 -10.38 36.97
C SER A 344 -17.00 -9.31 37.86
N THR A 345 -15.91 -8.69 37.40
CA THR A 345 -15.23 -7.66 38.18
C THR A 345 -15.89 -6.30 38.07
N ILE A 346 -16.74 -6.14 37.04
CA ILE A 346 -17.40 -4.85 36.79
C ILE A 346 -18.44 -4.41 37.84
N PRO A 347 -19.45 -5.23 38.18
CA PRO A 347 -20.47 -4.80 39.16
C PRO A 347 -19.94 -4.48 40.56
N THR B 22 10.36 40.15 -22.23
CA THR B 22 11.08 39.76 -23.49
C THR B 22 10.10 39.12 -24.48
N GLU B 23 10.57 38.91 -25.72
CA GLU B 23 9.77 38.29 -26.77
C GLU B 23 9.47 36.83 -26.42
N GLN B 24 10.40 36.18 -25.72
CA GLN B 24 10.25 34.80 -25.29
C GLN B 24 9.08 34.70 -24.31
N GLU B 25 8.98 35.67 -23.41
CA GLU B 25 7.90 35.73 -22.43
C GLU B 25 6.55 36.01 -23.10
N ASP B 26 6.58 36.83 -24.16
CA ASP B 26 5.36 37.17 -24.89
C ASP B 26 4.80 35.94 -25.61
N VAL B 27 5.69 35.17 -26.24
CA VAL B 27 5.29 33.96 -26.96
C VAL B 27 4.81 32.91 -25.96
N LEU B 28 5.44 32.86 -24.80
CA LEU B 28 5.05 31.91 -23.76
C LEU B 28 3.63 32.20 -23.31
N ALA B 29 3.32 33.48 -23.09
CA ALA B 29 1.98 33.89 -22.66
C ALA B 29 0.92 33.53 -23.70
N LYS B 30 1.25 33.67 -24.97
CA LYS B 30 0.34 33.34 -26.07
C LYS B 30 0.09 31.83 -26.15
N GLU B 31 1.13 31.04 -25.91
CA GLU B 31 0.98 29.59 -25.93
C GLU B 31 0.10 29.15 -24.76
N LEU B 32 0.21 29.85 -23.63
CA LEU B 32 -0.56 29.52 -22.43
C LEU B 32 -2.04 29.90 -22.55
N GLU B 33 -2.40 30.65 -23.59
CA GLU B 33 -3.80 31.00 -23.85
C GLU B 33 -4.59 29.77 -24.32
N ASP B 34 -3.87 28.71 -24.73
CA ASP B 34 -4.48 27.45 -25.17
C ASP B 34 -4.59 26.43 -24.03
N VAL B 35 -4.45 26.85 -22.77
CA VAL B 35 -4.48 25.90 -21.66
C VAL B 35 -5.78 25.12 -21.51
N ASN B 36 -6.88 25.68 -22.02
CA ASN B 36 -8.16 24.98 -21.97
C ASN B 36 -8.39 24.06 -23.18
N LYS B 37 -7.38 23.91 -24.02
CA LYS B 37 -7.49 23.10 -25.24
C LYS B 37 -6.66 21.83 -25.25
N TRP B 38 -7.25 20.78 -25.82
CA TRP B 38 -6.58 19.50 -26.03
C TRP B 38 -5.55 19.73 -27.13
N GLY B 39 -4.30 19.42 -26.87
CA GLY B 39 -3.25 19.62 -27.87
C GLY B 39 -2.37 20.83 -27.61
N LEU B 40 -2.40 21.34 -26.37
CA LEU B 40 -1.52 22.42 -25.97
C LEU B 40 -0.07 22.10 -26.38
N HIS B 41 0.66 23.10 -26.87
CA HIS B 41 2.05 22.93 -27.29
C HIS B 41 2.96 22.87 -26.05
N VAL B 42 2.87 21.77 -25.32
CA VAL B 42 3.57 21.59 -24.05
C VAL B 42 5.09 21.57 -24.19
N PHE B 43 5.60 21.05 -25.29
CA PHE B 43 7.05 21.01 -25.50
C PHE B 43 7.57 22.41 -25.75
N ARG B 44 6.83 23.19 -26.53
CA ARG B 44 7.20 24.57 -26.78
C ARG B 44 7.17 25.36 -25.46
N ILE B 45 6.16 25.11 -24.62
CA ILE B 45 6.06 25.80 -23.33
C ILE B 45 7.24 25.43 -22.43
N ALA B 46 7.67 24.17 -22.48
CA ALA B 46 8.80 23.75 -21.66
C ALA B 46 10.08 24.50 -22.06
N GLU B 47 10.27 24.71 -23.37
CA GLU B 47 11.44 25.42 -23.86
C GLU B 47 11.40 26.90 -23.46
N LEU B 48 10.27 27.54 -23.77
CA LEU B 48 10.09 28.97 -23.51
C LEU B 48 10.13 29.36 -22.04
N SER B 49 9.78 28.44 -21.16
CA SER B 49 9.75 28.71 -19.72
C SER B 49 11.06 28.36 -18.99
N GLY B 50 12.10 27.97 -19.73
CA GLY B 50 13.37 27.60 -19.14
C GLY B 50 13.23 26.30 -18.36
N ASN B 51 12.60 25.33 -19.01
CA ASN B 51 12.30 24.02 -18.45
C ASN B 51 11.46 24.10 -17.17
N ARG B 52 10.45 24.97 -17.20
CA ARG B 52 9.51 25.10 -16.10
C ARG B 52 8.04 24.89 -16.54
N PRO B 53 7.78 23.90 -17.38
CA PRO B 53 6.39 23.71 -17.85
C PRO B 53 5.41 23.38 -16.73
N LEU B 54 5.83 22.61 -15.75
CA LEU B 54 4.94 22.25 -14.65
C LEU B 54 4.57 23.46 -13.82
N THR B 55 5.54 24.31 -13.51
CA THR B 55 5.29 25.50 -12.72
C THR B 55 4.39 26.49 -13.43
N VAL B 56 4.71 26.82 -14.68
CA VAL B 56 3.91 27.80 -15.41
C VAL B 56 2.51 27.31 -15.77
N ILE B 57 2.38 26.02 -16.07
CA ILE B 57 1.08 25.45 -16.43
C ILE B 57 0.18 25.31 -15.18
N MET B 58 0.75 24.86 -14.07
CA MET B 58 -0.01 24.76 -12.83
C MET B 58 -0.45 26.15 -12.38
N HIS B 59 0.46 27.12 -12.45
CA HIS B 59 0.12 28.48 -12.04
C HIS B 59 -1.01 29.02 -12.90
N THR B 60 -0.92 28.79 -14.21
CA THR B 60 -1.93 29.27 -15.14
C THR B 60 -3.30 28.66 -14.85
N ILE B 61 -3.32 27.36 -14.59
CA ILE B 61 -4.55 26.63 -14.31
C ILE B 61 -5.15 27.08 -12.98
N PHE B 62 -4.31 27.30 -11.97
CA PHE B 62 -4.80 27.74 -10.66
C PHE B 62 -5.44 29.13 -10.79
N GLN B 63 -4.85 29.99 -11.60
CA GLN B 63 -5.40 31.33 -11.80
C GLN B 63 -6.70 31.26 -12.59
N GLU B 64 -6.74 30.37 -13.59
CA GLU B 64 -7.90 30.18 -14.46
C GLU B 64 -9.11 29.65 -13.68
N ARG B 65 -8.85 28.78 -12.71
CA ARG B 65 -9.90 28.17 -11.89
C ARG B 65 -10.12 28.93 -10.58
N ASP B 66 -9.41 30.03 -10.40
CA ASP B 66 -9.53 30.86 -9.21
C ASP B 66 -9.24 30.09 -7.92
N LEU B 67 -8.36 29.10 -7.99
CA LEU B 67 -8.01 28.26 -6.84
C LEU B 67 -7.21 28.98 -5.75
N LEU B 68 -6.44 30.01 -6.11
CA LEU B 68 -5.66 30.75 -5.11
C LEU B 68 -6.58 31.51 -4.17
N LYS B 69 -7.61 32.14 -4.72
CA LYS B 69 -8.58 32.88 -3.92
C LYS B 69 -9.45 31.94 -3.12
N THR B 70 -9.95 30.89 -3.78
CA THR B 70 -10.83 29.92 -3.15
C THR B 70 -10.22 29.26 -1.91
N PHE B 71 -8.95 28.87 -2.00
CA PHE B 71 -8.28 28.17 -0.90
C PHE B 71 -7.24 29.02 -0.15
N LYS B 72 -7.25 30.32 -0.42
CA LYS B 72 -6.35 31.27 0.23
C LYS B 72 -4.89 30.82 0.16
N ILE B 73 -4.45 30.49 -1.06
CA ILE B 73 -3.08 30.06 -1.29
C ILE B 73 -2.25 31.28 -1.65
N PRO B 74 -1.25 31.63 -0.84
CA PRO B 74 -0.40 32.77 -1.20
C PRO B 74 0.33 32.44 -2.49
N VAL B 75 0.41 33.39 -3.41
CA VAL B 75 1.05 33.16 -4.71
C VAL B 75 2.49 32.71 -4.54
N ASP B 76 3.23 33.35 -3.65
CA ASP B 76 4.63 32.98 -3.43
C ASP B 76 4.78 31.54 -2.93
N THR B 77 3.84 31.09 -2.10
CA THR B 77 3.86 29.71 -1.59
C THR B 77 3.62 28.72 -2.72
N LEU B 78 2.66 29.03 -3.60
CA LEU B 78 2.35 28.17 -4.72
C LEU B 78 3.55 28.03 -5.65
N ILE B 79 4.17 29.15 -6.00
CA ILE B 79 5.32 29.12 -6.91
C ILE B 79 6.49 28.38 -6.26
N THR B 80 6.73 28.61 -4.97
CA THR B 80 7.81 27.93 -4.27
C THR B 80 7.61 26.42 -4.26
N TYR B 81 6.39 25.98 -3.97
CA TYR B 81 6.10 24.55 -3.95
C TYR B 81 6.23 23.95 -5.35
N LEU B 82 5.67 24.62 -6.35
CA LEU B 82 5.71 24.13 -7.72
C LEU B 82 7.13 23.98 -8.24
N MET B 83 7.98 24.96 -7.96
CA MET B 83 9.38 24.88 -8.39
C MET B 83 10.10 23.72 -7.71
N THR B 84 9.82 23.51 -6.43
CA THR B 84 10.44 22.42 -5.67
C THR B 84 9.97 21.07 -6.19
N LEU B 85 8.67 20.95 -6.39
CA LEU B 85 8.10 19.72 -6.94
C LEU B 85 8.71 19.43 -8.31
N GLU B 86 8.73 20.44 -9.16
CA GLU B 86 9.27 20.32 -10.51
C GLU B 86 10.74 19.88 -10.49
N ASP B 87 11.50 20.39 -9.52
CA ASP B 87 12.93 20.06 -9.39
C ASP B 87 13.13 18.60 -9.00
N HIS B 88 12.10 17.96 -8.47
CA HIS B 88 12.17 16.56 -8.06
C HIS B 88 11.79 15.58 -9.17
N TYR B 89 11.42 16.13 -10.33
CA TYR B 89 11.26 15.34 -11.55
C TYR B 89 12.67 15.33 -12.15
N HIS B 90 13.12 14.18 -12.62
CA HIS B 90 14.49 14.03 -13.11
C HIS B 90 14.66 14.64 -14.50
N ALA B 91 15.69 15.47 -14.62
CA ALA B 91 15.99 16.14 -15.89
C ALA B 91 16.62 15.21 -16.91
N ASP B 92 17.09 14.04 -16.47
CA ASP B 92 17.73 13.08 -17.38
C ASP B 92 16.85 11.85 -17.71
N VAL B 93 15.56 11.93 -17.41
CA VAL B 93 14.60 10.88 -17.74
C VAL B 93 13.81 11.43 -18.94
N ALA B 94 13.77 10.68 -20.03
CA ALA B 94 13.17 11.17 -21.27
C ALA B 94 11.65 11.29 -21.26
N TYR B 95 10.96 10.43 -20.53
CA TYR B 95 9.50 10.46 -20.53
C TYR B 95 8.92 10.90 -19.20
N HIS B 96 9.27 10.19 -18.12
CA HIS B 96 8.67 10.48 -16.81
C HIS B 96 9.31 11.66 -16.10
N ASN B 97 9.14 12.82 -16.71
CA ASN B 97 9.76 14.06 -16.26
C ASN B 97 8.69 15.13 -16.06
N ASN B 98 9.15 16.34 -15.79
CA ASN B 98 8.28 17.50 -15.58
C ASN B 98 7.37 17.84 -16.77
N ILE B 99 7.78 17.52 -18.00
CA ILE B 99 6.95 17.80 -19.17
C ILE B 99 5.74 16.86 -19.14
N HIS B 100 5.97 15.58 -18.83
CA HIS B 100 4.89 14.62 -18.69
C HIS B 100 3.94 15.04 -17.57
N ALA B 101 4.48 15.45 -16.43
CA ALA B 101 3.64 15.91 -15.32
C ALA B 101 2.78 17.09 -15.76
N ALA B 102 3.39 18.08 -16.42
CA ALA B 102 2.67 19.26 -16.90
C ALA B 102 1.55 18.87 -17.87
N ASP B 103 1.84 17.90 -18.73
CA ASP B 103 0.90 17.41 -19.73
C ASP B 103 -0.29 16.72 -19.07
N VAL B 104 -0.03 15.87 -18.07
CA VAL B 104 -1.09 15.16 -17.38
C VAL B 104 -1.95 16.18 -16.60
N VAL B 105 -1.32 17.15 -15.96
CA VAL B 105 -2.03 18.22 -15.26
C VAL B 105 -2.97 18.95 -16.21
N GLN B 106 -2.45 19.37 -17.35
CA GLN B 106 -3.24 20.16 -18.31
C GLN B 106 -4.35 19.32 -18.93
N SER B 107 -4.06 18.04 -19.17
CA SER B 107 -5.05 17.13 -19.74
C SER B 107 -6.18 16.89 -18.74
N THR B 108 -5.83 16.71 -17.46
CA THR B 108 -6.84 16.57 -16.41
C THR B 108 -7.69 17.83 -16.33
N HIS B 109 -7.03 18.99 -16.41
CA HIS B 109 -7.72 20.27 -16.40
C HIS B 109 -8.76 20.35 -17.52
N VAL B 110 -8.41 19.90 -18.71
CA VAL B 110 -9.37 19.91 -19.82
C VAL B 110 -10.50 18.90 -19.57
N LEU B 111 -10.17 17.71 -19.08
CA LEU B 111 -11.18 16.68 -18.81
C LEU B 111 -12.18 17.11 -17.74
N LEU B 112 -11.74 17.92 -16.79
CA LEU B 112 -12.58 18.43 -15.72
C LEU B 112 -13.61 19.43 -16.23
N SER B 113 -13.30 20.06 -17.37
CA SER B 113 -14.18 21.05 -17.99
C SER B 113 -15.16 20.45 -19.01
N THR B 114 -15.20 19.12 -19.12
CA THR B 114 -16.12 18.48 -20.06
C THR B 114 -17.56 18.81 -19.67
N PRO B 115 -18.41 19.16 -20.62
CA PRO B 115 -19.80 19.52 -20.31
C PRO B 115 -20.57 18.49 -19.46
N ALA B 116 -20.33 17.20 -19.66
CA ALA B 116 -21.03 16.17 -18.90
C ALA B 116 -20.62 16.15 -17.42
N LEU B 117 -19.54 16.85 -17.07
CA LEU B 117 -19.09 16.93 -15.69
C LEU B 117 -19.28 18.35 -15.12
N GLU B 118 -20.07 19.16 -15.81
CA GLU B 118 -20.31 20.54 -15.39
C GLU B 118 -20.93 20.59 -13.99
N ALA B 119 -20.21 21.21 -13.06
CA ALA B 119 -20.65 21.38 -11.67
C ALA B 119 -20.79 20.08 -10.88
N VAL B 120 -20.19 19.00 -11.38
CA VAL B 120 -20.27 17.70 -10.71
C VAL B 120 -19.32 17.66 -9.51
N PHE B 121 -18.09 18.09 -9.71
CA PHE B 121 -17.06 18.06 -8.67
C PHE B 121 -16.90 19.38 -7.93
N THR B 122 -16.67 19.28 -6.63
CA THR B 122 -16.46 20.44 -5.78
C THR B 122 -15.08 21.03 -6.04
N ASP B 123 -14.86 22.24 -5.55
CA ASP B 123 -13.57 22.90 -5.69
C ASP B 123 -12.46 22.08 -5.05
N LEU B 124 -12.74 21.41 -3.94
CA LEU B 124 -11.74 20.58 -3.27
C LEU B 124 -11.36 19.36 -4.10
N GLU B 125 -12.36 18.75 -4.74
CA GLU B 125 -12.14 17.59 -5.60
C GLU B 125 -11.34 17.98 -6.85
N ILE B 126 -11.61 19.18 -7.36
CA ILE B 126 -10.90 19.72 -8.52
C ILE B 126 -9.44 19.93 -8.12
N LEU B 127 -9.24 20.52 -6.95
CA LEU B 127 -7.91 20.77 -6.42
C LEU B 127 -7.16 19.45 -6.25
N ALA B 128 -7.85 18.43 -5.74
CA ALA B 128 -7.24 17.13 -5.52
C ALA B 128 -6.80 16.48 -6.83
N ALA B 129 -7.66 16.52 -7.84
CA ALA B 129 -7.35 15.90 -9.14
C ALA B 129 -6.18 16.58 -9.83
N ILE B 130 -6.12 17.91 -9.75
CA ILE B 130 -5.04 18.67 -10.37
C ILE B 130 -3.73 18.45 -9.61
N PHE B 131 -3.79 18.50 -8.28
CA PHE B 131 -2.60 18.29 -7.46
C PHE B 131 -2.06 16.86 -7.66
N ALA B 132 -2.96 15.88 -7.67
CA ALA B 132 -2.57 14.49 -7.88
C ALA B 132 -1.84 14.35 -9.22
N SER B 133 -2.40 14.99 -10.26
CA SER B 133 -1.78 14.94 -11.58
C SER B 133 -0.37 15.52 -11.55
N ALA B 134 -0.20 16.61 -10.82
CA ALA B 134 1.10 17.29 -10.75
C ALA B 134 2.18 16.44 -10.10
N ILE B 135 1.81 15.69 -9.06
CA ILE B 135 2.78 14.90 -8.30
C ILE B 135 2.84 13.45 -8.72
N HIS B 136 1.99 13.05 -9.67
CA HIS B 136 1.78 11.62 -9.92
C HIS B 136 2.98 10.76 -10.34
N ASP B 137 4.02 11.37 -10.89
CA ASP B 137 5.24 10.64 -11.27
C ASP B 137 6.50 11.28 -10.69
N VAL B 138 6.38 12.10 -9.65
CA VAL B 138 7.56 12.81 -9.15
C VAL B 138 8.65 11.84 -8.64
N ASP B 139 9.90 12.19 -8.94
CA ASP B 139 11.07 11.39 -8.57
C ASP B 139 11.06 10.01 -9.23
N HIS B 140 10.47 9.94 -10.43
CA HIS B 140 10.49 8.71 -11.22
C HIS B 140 11.93 8.45 -11.71
N PRO B 141 12.48 7.26 -11.45
CA PRO B 141 13.84 6.93 -11.87
C PRO B 141 13.99 6.48 -13.33
N GLY B 142 12.90 6.36 -14.06
CA GLY B 142 12.95 5.94 -15.45
C GLY B 142 12.98 4.43 -15.66
N VAL B 143 12.61 3.67 -14.63
CA VAL B 143 12.51 2.22 -14.72
C VAL B 143 11.18 1.79 -14.10
N SER B 144 10.70 0.61 -14.49
CA SER B 144 9.40 0.12 -14.08
C SER B 144 9.39 -0.51 -12.69
N ASN B 145 8.18 -0.69 -12.17
CA ASN B 145 7.97 -1.35 -10.89
C ASN B 145 8.59 -2.75 -10.94
N GLN B 146 8.38 -3.47 -12.04
CA GLN B 146 8.92 -4.82 -12.13
C GLN B 146 10.44 -4.83 -12.11
N PHE B 147 11.06 -3.84 -12.75
CA PHE B 147 12.52 -3.73 -12.72
C PHE B 147 12.97 -3.49 -11.29
N LEU B 148 12.27 -2.62 -10.57
CA LEU B 148 12.62 -2.31 -9.19
C LEU B 148 12.47 -3.54 -8.29
N ILE B 149 11.46 -4.36 -8.56
CA ILE B 149 11.24 -5.58 -7.79
C ILE B 149 12.34 -6.61 -8.09
N ASN B 150 12.62 -6.78 -9.38
CA ASN B 150 13.60 -7.76 -9.85
C ASN B 150 15.05 -7.47 -9.49
N THR B 151 15.36 -6.21 -9.19
CA THR B 151 16.72 -5.81 -8.84
C THR B 151 16.90 -5.63 -7.34
N ASN B 152 15.91 -6.09 -6.56
CA ASN B 152 15.96 -6.01 -5.10
C ASN B 152 16.25 -4.58 -4.62
N SER B 153 15.58 -3.63 -5.24
CA SER B 153 15.79 -2.21 -4.98
C SER B 153 15.30 -1.77 -3.62
N GLU B 154 15.86 -0.67 -3.14
CA GLU B 154 15.45 -0.08 -1.88
C GLU B 154 13.97 0.31 -1.93
N LEU B 155 13.50 0.76 -3.09
CA LEU B 155 12.09 1.16 -3.22
C LEU B 155 11.15 -0.03 -3.09
N ALA B 156 11.47 -1.14 -3.72
CA ALA B 156 10.62 -2.31 -3.66
C ALA B 156 10.64 -2.92 -2.25
N LEU B 157 11.78 -2.83 -1.57
CA LEU B 157 11.90 -3.30 -0.20
C LEU B 157 11.04 -2.45 0.74
N MET B 158 11.05 -1.14 0.52
CA MET B 158 10.29 -0.22 1.36
C MET B 158 8.79 -0.46 1.20
N TYR B 159 8.36 -0.72 -0.04
CA TYR B 159 6.94 -0.79 -0.36
C TYR B 159 6.36 -2.20 -0.59
N ASN B 160 7.12 -3.23 -0.23
CA ASN B 160 6.63 -4.60 -0.29
C ASN B 160 6.04 -4.97 -1.64
N ASP B 161 6.76 -4.56 -2.69
CA ASP B 161 6.44 -4.86 -4.09
C ASP B 161 5.10 -4.34 -4.61
N SER B 162 4.36 -3.55 -3.84
CA SER B 162 3.03 -3.12 -4.27
C SER B 162 2.99 -1.64 -4.63
N SER B 163 2.63 -1.35 -5.88
CA SER B 163 2.59 0.01 -6.43
C SER B 163 3.79 0.77 -5.91
N VAL B 164 4.97 0.19 -6.15
CA VAL B 164 6.21 0.72 -5.58
C VAL B 164 6.45 2.18 -5.96
N LEU B 165 6.44 2.47 -7.25
CA LEU B 165 6.66 3.81 -7.73
C LEU B 165 5.57 4.77 -7.28
N GLU B 166 4.31 4.33 -7.38
CA GLU B 166 3.18 5.20 -7.11
C GLU B 166 3.14 5.63 -5.64
N ASN B 167 3.45 4.71 -4.75
CA ASN B 167 3.57 5.03 -3.34
C ASN B 167 4.68 6.05 -3.12
N HIS B 168 5.79 5.88 -3.82
CA HIS B 168 6.91 6.81 -3.70
C HIS B 168 6.56 8.21 -4.23
N HIS B 169 5.86 8.28 -5.36
CA HIS B 169 5.49 9.57 -5.95
C HIS B 169 4.64 10.35 -4.94
N LEU B 170 3.71 9.65 -4.31
CA LEU B 170 2.85 10.26 -3.29
C LEU B 170 3.66 10.77 -2.10
N ALA B 171 4.53 9.92 -1.57
CA ALA B 171 5.33 10.28 -0.40
C ALA B 171 6.15 11.53 -0.66
N VAL B 172 6.79 11.60 -1.82
CA VAL B 172 7.60 12.77 -2.18
C VAL B 172 6.73 14.01 -2.36
N GLY B 173 5.64 13.88 -3.10
CA GLY B 173 4.75 15.01 -3.36
C GLY B 173 4.23 15.64 -2.07
N PHE B 174 3.84 14.80 -1.12
CA PHE B 174 3.34 15.30 0.16
C PHE B 174 4.46 15.82 1.05
N LYS B 175 5.60 15.14 1.05
CA LYS B 175 6.71 15.55 1.91
C LYS B 175 7.22 16.94 1.55
N LEU B 176 7.17 17.29 0.26
CA LEU B 176 7.65 18.58 -0.20
C LEU B 176 6.81 19.76 0.30
N LEU B 177 5.57 19.50 0.70
CA LEU B 177 4.70 20.54 1.26
C LEU B 177 5.28 21.07 2.57
N GLN B 178 6.13 20.27 3.21
CA GLN B 178 6.74 20.63 4.50
C GLN B 178 7.97 21.53 4.38
N GLU B 179 8.47 21.75 3.16
CA GLU B 179 9.62 22.63 2.97
C GLU B 179 9.22 24.07 3.22
N GLU B 180 10.20 24.93 3.47
CA GLU B 180 9.97 26.34 3.77
C GLU B 180 9.08 27.02 2.72
N ASN B 181 7.99 27.62 3.18
CA ASN B 181 7.02 28.31 2.33
C ASN B 181 6.48 27.46 1.18
N CYS B 182 6.21 26.18 1.46
CA CYS B 182 5.68 25.26 0.45
C CYS B 182 4.30 24.69 0.76
N ASP B 183 3.77 24.93 1.95
CA ASP B 183 2.46 24.35 2.29
C ASP B 183 1.33 25.16 1.64
N ILE B 184 0.99 24.75 0.42
CA ILE B 184 -0.06 25.42 -0.34
C ILE B 184 -1.45 25.18 0.25
N PHE B 185 -1.56 24.19 1.13
CA PHE B 185 -2.82 23.84 1.79
C PHE B 185 -2.92 24.42 3.21
N GLN B 186 -2.04 25.35 3.55
CA GLN B 186 -1.99 25.93 4.89
C GLN B 186 -3.29 26.53 5.42
N ASN B 187 -4.11 27.08 4.53
CA ASN B 187 -5.38 27.70 4.94
C ASN B 187 -6.63 26.84 4.77
N LEU B 188 -6.43 25.56 4.44
CA LEU B 188 -7.53 24.61 4.35
C LEU B 188 -7.83 24.17 5.78
N THR B 189 -9.09 23.80 6.05
CA THR B 189 -9.45 23.29 7.36
C THR B 189 -8.84 21.91 7.51
N LYS B 190 -8.79 21.42 8.74
CA LYS B 190 -8.28 20.08 9.01
C LYS B 190 -9.04 19.02 8.20
N LYS B 191 -10.36 19.17 8.12
CA LYS B 191 -11.20 18.23 7.38
C LYS B 191 -10.91 18.28 5.88
N GLN B 192 -10.69 19.48 5.35
CA GLN B 192 -10.37 19.64 3.94
C GLN B 192 -9.02 18.99 3.62
N ARG B 193 -8.05 19.16 4.51
CA ARG B 193 -6.72 18.60 4.32
C ARG B 193 -6.79 17.07 4.34
N GLN B 194 -7.57 16.52 5.26
CA GLN B 194 -7.74 15.08 5.38
C GLN B 194 -8.41 14.50 4.13
N SER B 195 -9.45 15.17 3.67
CA SER B 195 -10.20 14.74 2.50
C SER B 195 -9.34 14.80 1.23
N LEU B 196 -8.64 15.92 1.04
CA LEU B 196 -7.79 16.08 -0.12
C LEU B 196 -6.70 15.02 -0.13
N ARG B 197 -6.07 14.78 1.02
CA ARG B 197 -5.01 13.78 1.09
C ARG B 197 -5.50 12.40 0.67
N LYS B 198 -6.65 11.98 1.19
CA LYS B 198 -7.21 10.67 0.86
C LYS B 198 -7.51 10.58 -0.63
N MET B 199 -8.10 11.63 -1.19
CA MET B 199 -8.44 11.63 -2.61
C MET B 199 -7.18 11.54 -3.47
N VAL B 200 -6.16 12.30 -3.11
CA VAL B 200 -4.91 12.32 -3.88
C VAL B 200 -4.26 10.95 -3.86
N ILE B 201 -4.21 10.33 -2.69
CA ILE B 201 -3.66 8.98 -2.58
C ILE B 201 -4.46 8.01 -3.45
N ASP B 202 -5.78 8.06 -3.35
CA ASP B 202 -6.63 7.16 -4.14
C ASP B 202 -6.40 7.33 -5.65
N ILE B 203 -6.20 8.57 -6.08
CA ILE B 203 -5.99 8.86 -7.49
C ILE B 203 -4.63 8.41 -7.97
N VAL B 204 -3.56 8.78 -7.27
CA VAL B 204 -2.22 8.42 -7.73
C VAL B 204 -1.99 6.91 -7.69
N LEU B 205 -2.51 6.22 -6.68
CA LEU B 205 -2.34 4.76 -6.63
C LEU B 205 -3.05 4.10 -7.84
N ALA B 206 -4.12 4.73 -8.32
CA ALA B 206 -4.85 4.21 -9.48
C ALA B 206 -4.10 4.38 -10.80
N THR B 207 -3.00 5.14 -10.83
CA THR B 207 -2.21 5.28 -12.05
C THR B 207 -1.29 4.08 -12.31
N ASP B 208 -1.18 3.18 -11.33
CA ASP B 208 -0.39 1.97 -11.50
C ASP B 208 -1.11 1.10 -12.55
N MET B 209 -0.39 0.76 -13.62
CA MET B 209 -0.96 -0.01 -14.73
C MET B 209 -1.52 -1.39 -14.31
N SER B 210 -1.03 -1.93 -13.20
CA SER B 210 -1.54 -3.21 -12.69
C SER B 210 -3.01 -3.12 -12.24
N LYS B 211 -3.51 -1.90 -12.07
CA LYS B 211 -4.88 -1.64 -11.65
C LYS B 211 -5.80 -1.28 -12.82
N HIS B 212 -5.23 -1.10 -14.01
CA HIS B 212 -5.98 -0.68 -15.18
C HIS B 212 -7.22 -1.53 -15.49
N MET B 213 -7.05 -2.85 -15.53
CA MET B 213 -8.15 -3.75 -15.90
C MET B 213 -9.34 -3.66 -14.95
N ASN B 214 -9.06 -3.59 -13.65
CA ASN B 214 -10.11 -3.47 -12.63
C ASN B 214 -10.79 -2.09 -12.67
N LEU B 215 -10.00 -1.04 -12.92
CA LEU B 215 -10.53 0.31 -13.03
C LEU B 215 -11.47 0.41 -14.22
N LEU B 216 -11.05 -0.17 -15.34
CA LEU B 216 -11.82 -0.14 -16.58
C LEU B 216 -13.10 -0.95 -16.43
N ALA B 217 -13.02 -2.07 -15.73
CA ALA B 217 -14.19 -2.92 -15.50
C ALA B 217 -15.24 -2.14 -14.72
N ASP B 218 -14.81 -1.43 -13.68
CA ASP B 218 -15.71 -0.63 -12.86
C ASP B 218 -16.24 0.58 -13.62
N LEU B 219 -15.42 1.16 -14.51
CA LEU B 219 -15.86 2.29 -15.32
C LEU B 219 -16.97 1.84 -16.27
N LYS B 220 -16.79 0.66 -16.86
CA LYS B 220 -17.77 0.09 -17.78
C LYS B 220 -19.09 -0.17 -17.04
N THR B 221 -19.00 -0.63 -15.81
CA THR B 221 -20.18 -0.90 -14.98
C THR B 221 -20.95 0.38 -14.70
N MET B 222 -20.22 1.50 -14.51
CA MET B 222 -20.85 2.79 -14.25
C MET B 222 -21.57 3.30 -15.50
N VAL B 223 -20.95 3.08 -16.66
CA VAL B 223 -21.51 3.50 -17.94
C VAL B 223 -22.84 2.78 -18.22
N GLU B 224 -22.91 1.50 -17.85
CA GLU B 224 -24.10 0.68 -18.08
C GLU B 224 -25.26 1.09 -17.17
N THR B 225 -24.94 1.48 -15.94
CA THR B 225 -25.93 1.90 -14.93
C THR B 225 -25.93 3.41 -14.74
N LYS B 226 -25.38 4.12 -15.72
CA LYS B 226 -25.27 5.58 -15.75
C LYS B 226 -26.58 6.32 -15.51
N LYS B 227 -26.55 7.31 -14.62
CA LYS B 227 -27.70 8.17 -14.34
C LYS B 227 -27.29 9.61 -14.63
N VAL B 228 -28.07 10.31 -15.45
CA VAL B 228 -27.76 11.69 -15.84
C VAL B 228 -28.97 12.63 -15.82
N THR B 229 -28.69 13.93 -15.87
CA THR B 229 -29.73 14.95 -15.94
C THR B 229 -30.23 15.01 -17.37
N SER B 230 -31.24 15.85 -17.63
CA SER B 230 -31.79 16.01 -18.97
C SER B 230 -30.78 16.63 -19.95
N SER B 231 -29.78 17.34 -19.41
CA SER B 231 -28.74 17.96 -20.23
C SER B 231 -27.48 17.09 -20.36
N GLY B 232 -27.55 15.86 -19.85
CA GLY B 232 -26.45 14.91 -19.94
C GLY B 232 -25.37 14.96 -18.87
N VAL B 233 -25.59 15.74 -17.80
CA VAL B 233 -24.60 15.85 -16.73
C VAL B 233 -24.69 14.63 -15.80
N LEU B 234 -23.52 14.09 -15.46
CA LEU B 234 -23.40 12.90 -14.61
C LEU B 234 -23.84 13.17 -13.18
N LEU B 235 -24.55 12.20 -12.59
CA LEU B 235 -25.02 12.28 -11.22
C LEU B 235 -24.25 11.28 -10.36
N LEU B 236 -23.30 11.79 -9.59
CA LEU B 236 -22.43 10.98 -8.73
C LEU B 236 -22.65 11.38 -7.27
N ASP B 237 -23.20 10.47 -6.47
CA ASP B 237 -23.48 10.81 -5.08
C ASP B 237 -22.42 10.41 -4.06
N ASN B 238 -22.14 9.11 -3.94
CA ASN B 238 -21.21 8.63 -2.92
C ASN B 238 -19.76 8.71 -3.33
N TYR B 239 -18.90 8.62 -2.33
CA TYR B 239 -17.47 8.73 -2.53
C TYR B 239 -16.92 7.71 -3.52
N SER B 240 -17.39 6.47 -3.44
CA SER B 240 -16.89 5.40 -4.30
C SER B 240 -17.05 5.71 -5.79
N ASP B 241 -18.20 6.28 -6.15
CA ASP B 241 -18.45 6.63 -7.54
C ASP B 241 -17.70 7.90 -7.93
N ARG B 242 -17.64 8.88 -7.04
CA ARG B 242 -16.94 10.12 -7.33
C ARG B 242 -15.44 9.90 -7.50
N ILE B 243 -14.85 9.13 -6.61
CA ILE B 243 -13.43 8.87 -6.69
C ILE B 243 -13.10 7.98 -7.88
N GLN B 244 -14.00 7.07 -8.23
CA GLN B 244 -13.77 6.20 -9.38
C GLN B 244 -13.66 7.02 -10.66
N VAL B 245 -14.54 8.02 -10.82
CA VAL B 245 -14.50 8.87 -11.99
C VAL B 245 -13.22 9.71 -12.00
N LEU B 246 -12.82 10.23 -10.84
CA LEU B 246 -11.59 11.02 -10.77
C LEU B 246 -10.37 10.14 -11.06
N GLN B 247 -10.39 8.90 -10.56
CA GLN B 247 -9.28 7.97 -10.80
C GLN B 247 -9.15 7.68 -12.28
N ASN B 248 -10.27 7.34 -12.92
CA ASN B 248 -10.26 7.04 -14.34
C ASN B 248 -9.92 8.27 -15.18
N MET B 249 -10.33 9.45 -14.71
CA MET B 249 -10.05 10.70 -15.42
C MET B 249 -8.54 10.95 -15.48
N VAL B 250 -7.86 10.83 -14.34
CA VAL B 250 -6.42 11.07 -14.30
C VAL B 250 -5.68 9.93 -15.02
N HIS B 251 -6.26 8.72 -14.96
CA HIS B 251 -5.69 7.58 -15.67
C HIS B 251 -5.77 7.84 -17.19
N CYS B 252 -6.88 8.41 -17.65
CA CYS B 252 -7.05 8.76 -19.06
C CYS B 252 -6.04 9.83 -19.46
N ALA B 253 -5.86 10.83 -18.59
CA ALA B 253 -4.89 11.90 -18.84
C ALA B 253 -3.48 11.32 -18.95
N ASP B 254 -3.17 10.38 -18.07
CA ASP B 254 -1.87 9.72 -18.04
C ASP B 254 -1.64 8.95 -19.35
N LEU B 255 -2.71 8.34 -19.87
CA LEU B 255 -2.67 7.57 -21.11
C LEU B 255 -3.28 8.37 -22.28
N SER B 256 -3.04 9.68 -22.30
CA SER B 256 -3.61 10.55 -23.32
C SER B 256 -2.72 10.82 -24.53
N ASN B 257 -1.43 10.44 -24.48
CA ASN B 257 -0.52 10.76 -25.59
C ASN B 257 -1.07 10.36 -26.97
N PRO B 258 -1.56 9.12 -27.13
CA PRO B 258 -2.08 8.70 -28.44
C PRO B 258 -3.34 9.43 -28.92
N THR B 259 -3.98 10.21 -28.05
CA THR B 259 -5.16 10.98 -28.43
C THR B 259 -4.84 12.45 -28.77
N LYS B 260 -3.56 12.81 -28.73
CA LYS B 260 -3.12 14.17 -29.02
C LYS B 260 -2.74 14.29 -30.50
N PRO B 261 -2.68 15.52 -31.01
CA PRO B 261 -2.22 15.74 -32.38
C PRO B 261 -0.97 14.92 -32.63
N LEU B 262 -0.88 14.29 -33.79
CA LEU B 262 0.23 13.41 -34.11
C LEU B 262 1.63 13.96 -33.84
N GLN B 263 1.86 15.25 -34.10
CA GLN B 263 3.19 15.85 -33.87
C GLN B 263 3.59 15.70 -32.41
N LEU B 264 2.62 15.83 -31.50
CA LEU B 264 2.87 15.68 -30.08
C LEU B 264 3.05 14.21 -29.73
N TYR B 265 2.13 13.38 -30.17
CA TYR B 265 2.13 11.95 -29.89
C TYR B 265 3.46 11.32 -30.31
N ARG B 266 3.95 11.64 -31.49
CA ARG B 266 5.20 11.06 -31.96
C ARG B 266 6.38 11.40 -31.05
N GLN B 267 6.39 12.63 -30.52
CA GLN B 267 7.45 13.01 -29.58
C GLN B 267 7.35 12.20 -28.28
N TRP B 268 6.14 11.97 -27.80
CA TRP B 268 5.94 11.16 -26.58
C TRP B 268 6.39 9.73 -26.84
N THR B 269 6.14 9.23 -28.04
CA THR B 269 6.55 7.86 -28.40
C THR B 269 8.07 7.75 -28.42
N ASP B 270 8.75 8.73 -29.02
CA ASP B 270 10.20 8.74 -29.05
C ASP B 270 10.76 8.73 -27.63
N ARG B 271 10.11 9.47 -26.75
CA ARG B 271 10.58 9.61 -25.36
C ARG B 271 10.40 8.35 -24.54
N ILE B 272 9.22 7.73 -24.61
CA ILE B 272 8.99 6.49 -23.85
C ILE B 272 9.92 5.38 -24.36
N MET B 273 10.14 5.33 -25.67
CA MET B 273 11.02 4.30 -26.22
C MET B 273 12.48 4.51 -25.78
N GLU B 274 12.91 5.76 -25.67
CA GLU B 274 14.27 6.05 -25.19
C GLU B 274 14.41 5.54 -23.76
N GLU B 275 13.40 5.81 -22.93
CA GLU B 275 13.41 5.37 -21.55
C GLU B 275 13.38 3.85 -21.45
N PHE B 276 12.50 3.22 -22.24
CA PHE B 276 12.40 1.77 -22.29
C PHE B 276 13.71 1.13 -22.72
N PHE B 277 14.32 1.65 -23.79
CA PHE B 277 15.57 1.08 -24.27
C PHE B 277 16.69 1.20 -23.23
N ARG B 278 16.71 2.29 -22.49
CA ARG B 278 17.71 2.47 -21.44
C ARG B 278 17.49 1.41 -20.35
N GLN B 279 16.24 1.17 -19.98
CA GLN B 279 15.97 0.11 -19.01
C GLN B 279 16.44 -1.25 -19.55
N GLY B 280 16.17 -1.51 -20.82
CA GLY B 280 16.55 -2.76 -21.44
C GLY B 280 18.06 -2.94 -21.51
N ASP B 281 18.79 -1.83 -21.61
CA ASP B 281 20.25 -1.88 -21.65
C ASP B 281 20.76 -2.30 -20.27
N ARG B 282 20.11 -1.81 -19.22
CA ARG B 282 20.45 -2.18 -17.84
C ARG B 282 20.15 -3.65 -17.63
N GLU B 283 19.00 -4.12 -18.12
CA GLU B 283 18.59 -5.51 -17.97
C GLU B 283 19.52 -6.46 -18.70
N ARG B 284 19.85 -6.14 -19.95
CA ARG B 284 20.72 -7.00 -20.74
C ARG B 284 22.11 -7.15 -20.13
N GLU B 285 22.67 -6.04 -19.64
CA GLU B 285 23.99 -6.05 -19.02
C GLU B 285 24.01 -6.94 -17.78
N ARG B 286 22.92 -6.90 -17.01
CA ARG B 286 22.80 -7.68 -15.77
C ARG B 286 22.37 -9.13 -15.98
N GLY B 287 22.15 -9.53 -17.23
CA GLY B 287 21.73 -10.89 -17.54
C GLY B 287 20.27 -11.15 -17.19
N MET B 288 19.50 -10.08 -17.09
CA MET B 288 18.07 -10.16 -16.78
C MET B 288 17.29 -10.30 -18.08
N GLU B 289 16.10 -10.87 -17.97
CA GLU B 289 15.19 -10.95 -19.11
C GLU B 289 14.83 -9.51 -19.46
N ILE B 290 14.95 -9.16 -20.74
CA ILE B 290 14.62 -7.80 -21.17
C ILE B 290 13.10 -7.66 -21.22
N SER B 291 12.60 -6.61 -20.58
CA SER B 291 11.16 -6.35 -20.49
C SER B 291 10.58 -6.05 -21.86
N PRO B 292 9.27 -6.29 -22.02
CA PRO B 292 8.59 -6.00 -23.29
C PRO B 292 8.88 -4.60 -23.80
N MET B 293 9.23 -4.49 -25.08
CA MET B 293 9.51 -3.21 -25.76
C MET B 293 10.81 -2.51 -25.35
N CYS B 294 11.63 -3.15 -24.52
CA CYS B 294 12.84 -2.52 -24.01
C CYS B 294 14.13 -2.95 -24.71
N ASP B 295 14.02 -3.84 -25.69
CA ASP B 295 15.18 -4.34 -26.43
C ASP B 295 15.35 -3.55 -27.73
N LYS B 296 16.28 -2.61 -27.74
CA LYS B 296 16.51 -1.76 -28.91
C LYS B 296 16.95 -2.57 -30.14
N HIS B 297 17.53 -3.75 -29.92
CA HIS B 297 17.97 -4.60 -31.03
C HIS B 297 16.86 -5.49 -31.59
N ASN B 298 15.77 -5.62 -30.85
CA ASN B 298 14.61 -6.41 -31.26
C ASN B 298 13.33 -5.67 -30.86
N ALA B 299 13.14 -4.51 -31.49
CA ALA B 299 12.00 -3.66 -31.23
C ALA B 299 11.19 -3.41 -32.48
N SER B 300 9.90 -3.17 -32.26
CA SER B 300 8.95 -2.83 -33.30
C SER B 300 8.12 -1.71 -32.68
N VAL B 301 8.67 -0.50 -32.72
CA VAL B 301 8.07 0.68 -32.10
C VAL B 301 6.64 0.95 -32.55
N GLU B 302 6.42 0.83 -33.85
CA GLU B 302 5.13 1.12 -34.46
C GLU B 302 4.11 0.04 -34.13
N LYS B 303 4.52 -1.22 -34.19
CA LYS B 303 3.62 -2.30 -33.82
C LYS B 303 3.25 -2.19 -32.34
N SER B 304 4.19 -1.74 -31.51
CA SER B 304 3.95 -1.59 -30.08
C SER B 304 2.93 -0.49 -29.82
N GLN B 305 2.99 0.60 -30.57
CA GLN B 305 2.01 1.69 -30.40
C GLN B 305 0.61 1.23 -30.81
N VAL B 306 0.52 0.49 -31.91
CA VAL B 306 -0.77 0.00 -32.37
C VAL B 306 -1.34 -0.98 -31.34
N GLY B 307 -0.49 -1.80 -30.75
CA GLY B 307 -0.92 -2.75 -29.72
C GLY B 307 -1.37 -2.03 -28.47
N PHE B 308 -0.62 -1.00 -28.08
CA PHE B 308 -0.93 -0.17 -26.92
C PHE B 308 -2.31 0.46 -27.10
N ILE B 309 -2.58 0.97 -28.30
CA ILE B 309 -3.87 1.59 -28.59
C ILE B 309 -4.99 0.56 -28.57
N ASP B 310 -4.82 -0.53 -29.30
CA ASP B 310 -5.86 -1.56 -29.42
C ASP B 310 -6.23 -2.24 -28.11
N TYR B 311 -5.24 -2.53 -27.28
CA TYR B 311 -5.46 -3.30 -26.06
C TYR B 311 -5.67 -2.50 -24.77
N ILE B 312 -5.17 -1.27 -24.73
CA ILE B 312 -5.24 -0.45 -23.52
C ILE B 312 -5.90 0.91 -23.70
N VAL B 313 -5.33 1.73 -24.56
CA VAL B 313 -5.74 3.11 -24.70
C VAL B 313 -7.14 3.30 -25.32
N HIS B 314 -7.42 2.59 -26.42
CA HIS B 314 -8.73 2.69 -27.06
C HIS B 314 -9.85 2.11 -26.18
N PRO B 315 -9.70 0.90 -25.62
CA PRO B 315 -10.73 0.40 -24.70
C PRO B 315 -11.03 1.39 -23.58
N LEU B 316 -10.01 2.01 -23.00
CA LEU B 316 -10.18 2.98 -21.94
C LEU B 316 -10.91 4.23 -22.43
N TRP B 317 -10.39 4.86 -23.47
CA TRP B 317 -10.98 6.10 -24.00
C TRP B 317 -12.37 5.94 -24.60
N GLU B 318 -12.65 4.78 -25.19
CA GLU B 318 -13.99 4.51 -25.72
C GLU B 318 -15.01 4.42 -24.59
N THR B 319 -14.57 3.87 -23.46
CA THR B 319 -15.43 3.75 -22.29
C THR B 319 -15.65 5.12 -21.64
N TRP B 320 -14.58 5.91 -21.55
CA TRP B 320 -14.68 7.26 -21.02
C TRP B 320 -15.62 8.07 -21.91
N ALA B 321 -15.48 7.90 -23.23
CA ALA B 321 -16.31 8.62 -24.20
C ALA B 321 -17.77 8.28 -24.03
N ASP B 322 -18.06 7.02 -23.68
CA ASP B 322 -19.43 6.59 -23.45
C ASP B 322 -19.97 7.24 -22.18
N LEU B 323 -19.13 7.40 -21.16
CA LEU B 323 -19.54 8.02 -19.90
C LEU B 323 -19.95 9.48 -20.11
N VAL B 324 -19.17 10.22 -20.89
CA VAL B 324 -19.41 11.64 -21.14
C VAL B 324 -19.97 11.95 -22.53
N HIS B 325 -20.55 10.95 -23.19
CA HIS B 325 -21.05 11.10 -24.57
C HIS B 325 -21.90 12.37 -24.77
N PRO B 326 -21.65 13.15 -25.83
CA PRO B 326 -20.63 12.91 -26.87
C PRO B 326 -19.41 13.84 -26.75
N ASP B 327 -19.13 14.31 -25.55
CA ASP B 327 -18.07 15.31 -25.33
C ASP B 327 -16.67 14.90 -25.73
N ALA B 328 -16.33 13.61 -25.63
CA ALA B 328 -14.99 13.14 -25.97
C ALA B 328 -14.85 12.61 -27.40
N GLN B 329 -15.82 12.91 -28.26
CA GLN B 329 -15.80 12.41 -29.62
C GLN B 329 -14.56 12.89 -30.40
N ASP B 330 -14.20 14.15 -30.25
CA ASP B 330 -13.02 14.68 -30.95
C ASP B 330 -11.73 14.01 -30.50
N ILE B 331 -11.64 13.68 -29.21
CA ILE B 331 -10.46 13.01 -28.65
C ILE B 331 -10.37 11.59 -29.21
N LEU B 332 -11.50 10.90 -29.25
CA LEU B 332 -11.56 9.53 -29.77
C LEU B 332 -11.27 9.49 -31.26
N ASP B 333 -11.71 10.52 -31.98
CA ASP B 333 -11.46 10.63 -33.42
C ASP B 333 -9.96 10.75 -33.67
N THR B 334 -9.29 11.56 -32.87
CA THR B 334 -7.84 11.76 -33.02
C THR B 334 -7.08 10.48 -32.72
N LEU B 335 -7.52 9.76 -31.69
CA LEU B 335 -6.90 8.49 -31.31
C LEU B 335 -6.98 7.51 -32.49
N GLU B 336 -8.16 7.39 -33.08
CA GLU B 336 -8.36 6.48 -34.20
C GLU B 336 -7.54 6.91 -35.43
N ASP B 337 -7.44 8.22 -35.66
CA ASP B 337 -6.64 8.78 -36.75
C ASP B 337 -5.18 8.40 -36.55
N ASN B 338 -4.70 8.52 -35.31
CA ASN B 338 -3.32 8.22 -35.00
C ASN B 338 -3.00 6.74 -35.09
N ARG B 339 -3.95 5.90 -34.69
CA ARG B 339 -3.79 4.46 -34.80
C ARG B 339 -3.67 4.07 -36.28
N GLU B 340 -4.49 4.70 -37.11
CA GLU B 340 -4.49 4.46 -38.54
C GLU B 340 -3.14 4.85 -39.13
N TRP B 341 -2.59 5.98 -38.69
CA TRP B 341 -1.30 6.43 -39.21
C TRP B 341 -0.17 5.49 -38.79
N TYR B 342 -0.11 5.13 -37.50
CA TYR B 342 0.94 4.23 -37.03
C TYR B 342 0.85 2.89 -37.76
N GLN B 343 -0.36 2.38 -37.97
CA GLN B 343 -0.53 1.13 -38.69
C GLN B 343 -0.01 1.25 -40.12
N SER B 344 -0.21 2.40 -40.76
CA SER B 344 0.27 2.61 -42.12
C SER B 344 1.78 2.60 -42.24
N THR B 345 2.49 2.86 -41.14
CA THR B 345 3.97 2.82 -41.17
C THR B 345 4.49 1.40 -41.08
N ILE B 346 3.61 0.43 -40.80
CA ILE B 346 4.00 -0.98 -40.75
C ILE B 346 3.79 -1.60 -42.13
N PRO B 347 4.87 -2.04 -42.78
CA PRO B 347 4.75 -2.64 -44.11
C PRO B 347 4.05 -4.00 -44.10
N GLN B 348 3.56 -4.43 -45.26
CA GLN B 348 2.86 -5.71 -45.41
C GLN B 348 1.58 -5.78 -44.59
ZN ZN C . 0.91 -8.04 17.01
MG MG D . 0.73 -5.29 14.52
O1 ZAR E . -0.40 -6.65 18.00
O1 ZAR E . -0.62 -6.84 17.93
O1 ZAR E . -5.38 -2.07 16.50
C2 ZAR E . -1.33 -6.52 18.79
C2 ZAR E . -1.52 -6.69 18.74
C2 ZAR E . -5.37 -2.70 17.55
N3 ZAR E . -1.65 -5.30 19.32
N3 ZAR E . -2.12 -7.69 19.49
N3 ZAR E . -5.65 -2.15 18.77
N4 ZAR E . -2.65 -5.05 20.19
N4 ZAR E . -3.13 -7.49 20.38
N4 ZAR E . -5.67 -2.83 19.95
C5 ZAR E . -3.32 -6.05 20.64
C5 ZAR E . -3.48 -6.24 20.61
C5 ZAR E . -5.29 -4.07 19.95
C6 ZAR E . -3.18 -7.43 20.12
C6 ZAR E . -2.99 -5.12 19.83
C6 ZAR E . -5.07 -4.82 18.70
C7 ZAR E . -2.17 -7.65 19.26
C7 ZAR E . -2.02 -5.33 18.96
C7 ZAR E . -5.05 -4.14 17.57
C8 ZAR E . -4.41 -5.66 21.57
C8 ZAR E . -4.59 -5.90 21.52
C8 ZAR E . -5.37 -4.81 21.22
C9 ZAR E . -4.58 -6.42 22.74
C9 ZAR E . -4.63 -6.51 22.79
C9 ZAR E . -6.35 -4.40 22.14
C10 ZAR E . -5.56 -6.06 23.68
C10 ZAR E . -5.66 -6.17 23.70
C10 ZAR E . -6.47 -5.05 23.38
C11 ZAR E . -6.37 -4.93 23.46
C11 ZAR E . -6.61 -5.20 23.35
C11 ZAR E . -5.61 -6.13 23.70
C12 ZAR E . -6.17 -4.17 22.30
C12 ZAR E . -6.55 -4.58 22.08
C12 ZAR E . -4.64 -6.52 22.76
C13 ZAR E . -5.20 -4.53 21.36
C13 ZAR E . -5.53 -4.92 21.19
C13 ZAR E . -4.52 -5.86 21.53
C14 ZAR E . -8.56 -4.08 24.41
C14 ZAR E . -8.14 -3.70 24.65
C14 ZAR E . -5.18 -7.89 25.34
O15 ZAR E . -7.28 -4.71 24.49
O15 ZAR E . -7.57 -4.97 24.32
O15 ZAR E . -5.84 -6.69 24.96
F16 ZAR E . -8.83 -3.51 23.22
F16 ZAR E . -9.42 -3.95 25.07
F16 ZAR E . -6.01 -8.95 25.19
F17 ZAR E . -8.55 -3.07 25.34
F17 ZAR E . -8.23 -2.88 23.58
F17 ZAR E . -4.88 -7.81 26.66
O18 ZAR E . -5.83 -6.76 24.87
O18 ZAR E . -5.83 -6.73 24.97
O18 ZAR E . -7.42 -4.70 24.35
C19 ZAR E . -4.79 -7.57 25.43
C19 ZAR E . -4.78 -7.54 25.53
C19 ZAR E . -8.26 -3.57 24.12
ZN ZN F . 2.46 9.21 -15.68
MG MG G . 3.27 6.65 -13.08
O1 ZAR H . 3.24 7.59 -16.89
O1 ZAR H . 2.83 7.61 -17.00
O1 ZAR H . 3.49 0.19 -17.29
C2 ZAR H . 3.22 7.06 -17.99
C2 ZAR H . 2.83 7.03 -18.08
C2 ZAR H . 3.47 0.91 -18.28
N3 ZAR H . 4.14 6.11 -18.34
N3 ZAR H . 2.10 7.41 -19.19
N3 ZAR H . 4.16 0.66 -19.43
N4 ZAR H . 4.19 5.46 -19.52
N4 ZAR H . 2.13 6.77 -20.39
N4 ZAR H . 4.13 1.44 -20.54
C5 ZAR H . 3.36 5.83 -20.44
C5 ZAR H . 2.82 5.67 -20.46
C5 ZAR H . 3.50 2.57 -20.49
C6 ZAR H . 2.25 6.75 -20.19
C6 ZAR H . 3.71 5.20 -19.39
C6 ZAR H . 2.64 2.94 -19.34
C7 ZAR H . 2.22 7.40 -19.02
C7 ZAR H . 3.66 5.84 -18.23
C7 ZAR H . 2.68 2.16 -18.26
C8 ZAR H . 3.44 5.05 -21.69
C8 ZAR H . 3.00 4.94 -21.73
C8 ZAR H . 3.45 3.37 -21.73
C9 ZAR H . 3.36 5.70 -22.92
C9 ZAR H . 3.14 5.65 -22.93
C9 ZAR H . 3.82 2.74 -22.93
C10 ZAR H . 3.47 4.96 -24.12
C10 ZAR H . 3.33 4.96 -24.14
C10 ZAR H . 3.80 3.44 -24.14
C11 ZAR H . 3.66 3.57 -24.05
C11 ZAR H . 3.40 3.55 -24.12
C11 ZAR H . 3.43 4.79 -24.17
C12 ZAR H . 3.74 2.93 -22.81
C12 ZAR H . 3.27 2.85 -22.91
C12 ZAR H . 3.06 5.42 -22.97
C13 ZAR H . 3.64 3.66 -21.63
C13 ZAR H . 3.08 3.55 -21.71
C13 ZAR H . 3.07 4.72 -21.76
C14 ZAR H . 3.45 1.52 -25.28
C14 ZAR H . 4.24 1.65 -25.33
C14 ZAR H . 3.15 6.76 -25.59
O15 ZAR H . 3.74 2.91 -25.27
O15 ZAR H . 3.58 2.92 -25.35
O15 ZAR H . 3.45 5.38 -25.44
F16 ZAR H . 4.48 0.82 -24.71
F16 ZAR H . 4.58 1.29 -26.59
F16 ZAR H . 1.83 6.90 -25.91
F17 ZAR H . 3.37 1.12 -26.58
F17 ZAR H . 3.35 0.73 -24.85
F17 ZAR H . 3.88 7.24 -26.62
O18 ZAR H . 3.39 5.49 -25.42
O18 ZAR H . 3.46 5.55 -25.39
O18 ZAR H . 4.15 2.88 -25.37
C19 ZAR H . 3.58 6.88 -25.63
C19 ZAR H . 3.69 6.96 -25.49
C19 ZAR H . 3.51 1.65 -25.73
#